data_1WU8
#
_entry.id   1WU8
#
_cell.length_a   138.756
_cell.length_b   138.756
_cell.length_c   139.691
_cell.angle_alpha   90.00
_cell.angle_beta   90.00
_cell.angle_gamma   90.00
#
_symmetry.space_group_name_H-M   'P 41 2 2'
#
loop_
_entity.id
_entity.type
_entity.pdbx_description
1 polymer 'hypothetical protein PH0463'
2 non-polymer ADENOSINE
3 water water
#
_entity_poly.entity_id   1
_entity_poly.type   'polypeptide(L)'
_entity_poly.pdbx_seq_one_letter_code
;(MSE)ITLTTDFGLKGPYVGE(MSE)KVA(MSE)LRINPNAKIVDVTHSVTRHSILEGSFV(MSE)EQVVKYSPKGTVHV
GVIDPGVGTERRAIVIEGDQYLVVPDNGLATLPLKHIKVKSVYEIIPDKIRKFTGWEISSTFHGRDIFGPAGALIEKGIH
PEEFGREIPVDSIVKLNVEPRKEGDVWILKVIYIDDFGNVILNLENYEKPRTVELLDFNLRLPYLETYGLVEKGE(MSE)
LALPGSHDYLEIAVN(MSE)GSAAERLNVKVGDELRVRLL
;
_entity_poly.pdbx_strand_id   A,B,C
#
# COMPACT_ATOMS: atom_id res chain seq x y z
N ILE A 2 15.14 -0.46 -8.24
CA ILE A 2 14.33 -1.61 -8.59
C ILE A 2 12.84 -1.33 -8.34
N THR A 3 11.99 -1.62 -9.33
CA THR A 3 10.56 -1.41 -9.15
C THR A 3 9.94 -2.77 -8.92
N LEU A 4 8.82 -2.81 -8.19
CA LEU A 4 8.12 -4.06 -7.90
C LEU A 4 6.65 -4.04 -8.33
N THR A 5 6.21 -5.08 -9.05
CA THR A 5 4.83 -5.17 -9.49
C THR A 5 4.37 -6.61 -9.30
N THR A 6 3.32 -6.80 -8.50
CA THR A 6 2.83 -8.14 -8.23
C THR A 6 1.31 -8.17 -8.02
N ASP A 7 0.81 -9.38 -7.82
CA ASP A 7 -0.60 -9.63 -7.55
C ASP A 7 -0.67 -10.23 -6.15
N PHE A 8 0.42 -10.07 -5.40
CA PHE A 8 0.54 -10.62 -4.05
C PHE A 8 -0.58 -10.25 -3.08
N GLY A 9 -1.13 -9.05 -3.22
CA GLY A 9 -2.16 -8.60 -2.32
C GLY A 9 -1.51 -7.73 -1.24
N LEU A 10 -2.31 -6.97 -0.51
CA LEU A 10 -1.75 -6.09 0.52
C LEU A 10 -1.75 -6.63 1.95
N LYS A 11 -2.62 -7.59 2.26
CA LYS A 11 -2.62 -8.10 3.63
C LYS A 11 -2.03 -9.49 3.71
N GLY A 12 -0.75 -9.53 4.09
CA GLY A 12 -0.05 -10.79 4.20
C GLY A 12 1.42 -10.50 4.41
N PRO A 13 2.27 -11.52 4.43
CA PRO A 13 3.69 -11.25 4.61
C PRO A 13 4.48 -11.32 3.30
N TYR A 14 3.80 -11.70 2.22
CA TYR A 14 4.44 -11.87 0.91
C TYR A 14 5.34 -10.73 0.44
N VAL A 15 4.81 -9.52 0.31
CA VAL A 15 5.63 -8.41 -0.14
C VAL A 15 6.81 -8.14 0.80
N GLY A 16 6.54 -8.19 2.11
CA GLY A 16 7.58 -7.95 3.09
C GLY A 16 8.73 -8.93 2.99
N GLU A 17 8.39 -10.20 2.74
CA GLU A 17 9.39 -11.26 2.62
C GLU A 17 10.31 -11.07 1.43
N LYS A 19 10.96 -8.24 -0.07
CA LYS A 19 11.78 -7.06 0.15
C LYS A 19 12.96 -7.32 1.10
N VAL A 20 12.71 -7.98 2.23
CA VAL A 20 13.83 -8.24 3.14
C VAL A 20 14.79 -9.25 2.51
N ALA A 21 14.25 -10.15 1.69
CA ALA A 21 15.05 -11.15 1.01
C ALA A 21 15.98 -10.45 0.01
N LEU A 23 16.89 -7.24 0.15
CA LEU A 23 17.81 -6.44 0.94
C LEU A 23 18.87 -7.32 1.57
N ARG A 24 18.56 -8.59 1.77
CA ARG A 24 19.50 -9.51 2.37
C ARG A 24 20.61 -9.85 1.37
N ILE A 25 20.33 -9.64 0.09
CA ILE A 25 21.29 -9.91 -0.96
C ILE A 25 21.96 -8.62 -1.39
N ASN A 26 21.20 -7.54 -1.38
CA ASN A 26 21.72 -6.24 -1.74
C ASN A 26 21.13 -5.24 -0.75
N PRO A 27 21.71 -5.19 0.46
CA PRO A 27 21.29 -4.32 1.57
C PRO A 27 21.06 -2.85 1.28
N ASN A 28 21.59 -2.34 0.17
CA ASN A 28 21.34 -0.94 -0.11
C ASN A 28 20.70 -0.70 -1.47
N ALA A 29 19.80 -1.60 -1.86
CA ALA A 29 19.08 -1.48 -3.11
C ALA A 29 17.92 -0.52 -2.85
N LYS A 30 17.63 0.35 -3.80
CA LYS A 30 16.52 1.29 -3.66
C LYS A 30 15.30 0.64 -4.31
N ILE A 31 14.39 0.15 -3.47
CA ILE A 31 13.20 -0.53 -3.95
C ILE A 31 11.95 0.36 -4.01
N VAL A 32 11.36 0.43 -5.20
CA VAL A 32 10.19 1.25 -5.43
C VAL A 32 8.96 0.37 -5.73
N ASP A 33 7.94 0.50 -4.90
CA ASP A 33 6.71 -0.26 -5.10
C ASP A 33 5.88 0.38 -6.18
N VAL A 34 5.37 -0.42 -7.11
CA VAL A 34 4.49 0.09 -8.16
C VAL A 34 3.09 -0.24 -7.63
N THR A 35 2.84 -1.54 -7.50
CA THR A 35 1.58 -2.03 -6.97
C THR A 35 1.70 -3.51 -6.66
N HIS A 36 0.84 -3.98 -5.75
CA HIS A 36 0.81 -5.37 -5.37
C HIS A 36 -0.64 -5.80 -5.40
N SER A 37 -1.45 -4.97 -6.04
CA SER A 37 -2.89 -5.18 -6.12
C SER A 37 -3.39 -5.57 -7.51
N VAL A 38 -2.49 -6.00 -8.38
CA VAL A 38 -2.90 -6.42 -9.71
C VAL A 38 -3.87 -7.57 -9.48
N THR A 39 -4.99 -7.54 -10.20
CA THR A 39 -5.99 -8.60 -10.08
C THR A 39 -5.29 -9.95 -10.11
N ARG A 40 -5.63 -10.82 -9.17
CA ARG A 40 -5.01 -12.13 -9.05
C ARG A 40 -4.76 -12.90 -10.35
N HIS A 41 -3.49 -13.20 -10.61
CA HIS A 41 -3.09 -13.95 -11.79
C HIS A 41 -3.30 -13.27 -13.14
N SER A 42 -3.72 -12.00 -13.13
CA SER A 42 -3.95 -11.32 -14.39
C SER A 42 -2.67 -10.81 -15.06
N ILE A 43 -2.10 -11.64 -15.93
CA ILE A 43 -0.87 -11.28 -16.62
C ILE A 43 -1.03 -10.05 -17.53
N LEU A 44 -2.18 -9.96 -18.23
CA LEU A 44 -2.43 -8.81 -19.10
C LEU A 44 -2.39 -7.50 -18.30
N GLU A 45 -3.13 -7.51 -17.18
CA GLU A 45 -3.14 -6.33 -16.33
C GLU A 45 -1.74 -6.01 -15.81
N GLY A 46 -1.06 -7.02 -15.29
CA GLY A 46 0.28 -6.80 -14.78
C GLY A 46 1.18 -6.25 -15.87
N SER A 47 1.01 -6.74 -17.09
CA SER A 47 1.82 -6.29 -18.20
C SER A 47 1.58 -4.81 -18.53
N PHE A 48 0.34 -4.37 -18.44
CA PHE A 48 0.00 -2.97 -18.70
C PHE A 48 0.63 -2.05 -17.65
N VAL A 49 0.57 -2.46 -16.39
CA VAL A 49 1.13 -1.65 -15.33
C VAL A 49 2.64 -1.47 -15.54
N GLU A 51 4.33 -1.73 -18.30
CA GLU A 51 4.58 -0.93 -19.47
C GLU A 51 4.65 0.55 -19.11
N GLN A 52 3.65 1.04 -18.38
CA GLN A 52 3.62 2.46 -18.03
C GLN A 52 4.81 2.90 -17.21
N VAL A 53 5.14 2.13 -16.17
CA VAL A 53 6.26 2.49 -15.33
C VAL A 53 7.55 2.53 -16.12
N VAL A 54 7.74 1.51 -16.96
CA VAL A 54 8.93 1.42 -17.79
C VAL A 54 9.09 2.65 -18.68
N LYS A 55 7.98 3.21 -19.15
CA LYS A 55 8.06 4.38 -20.02
C LYS A 55 8.64 5.61 -19.36
N TYR A 56 8.47 5.78 -18.05
CA TYR A 56 9.03 6.96 -17.39
C TYR A 56 10.27 6.66 -16.56
N SER A 57 10.62 5.38 -16.44
CA SER A 57 11.79 5.00 -15.64
C SER A 57 13.15 5.36 -16.24
N PRO A 58 14.11 5.75 -15.38
CA PRO A 58 15.46 6.11 -15.81
C PRO A 58 16.09 4.89 -16.48
N LYS A 59 16.93 5.10 -17.48
CA LYS A 59 17.60 3.98 -18.13
C LYS A 59 18.43 3.26 -17.07
N GLY A 60 18.50 1.94 -17.15
CA GLY A 60 19.26 1.18 -16.18
C GLY A 60 18.40 0.65 -15.04
N THR A 61 17.15 1.08 -14.99
CA THR A 61 16.23 0.63 -13.95
C THR A 61 15.94 -0.86 -14.09
N VAL A 62 15.82 -1.55 -12.96
CA VAL A 62 15.52 -2.99 -12.96
C VAL A 62 14.07 -3.15 -12.52
N HIS A 63 13.27 -3.87 -13.31
CA HIS A 63 11.85 -4.06 -13.00
C HIS A 63 11.52 -5.51 -12.68
N VAL A 64 11.16 -5.78 -11.44
CA VAL A 64 10.78 -7.13 -11.03
C VAL A 64 9.26 -7.26 -11.09
N GLY A 65 8.77 -8.18 -11.89
CA GLY A 65 7.32 -8.34 -11.95
C GLY A 65 6.94 -9.78 -11.62
N VAL A 66 6.03 -9.90 -10.63
CA VAL A 66 5.62 -11.25 -10.26
C VAL A 66 4.12 -11.42 -10.21
N ILE A 67 3.57 -11.79 -11.37
CA ILE A 67 2.24 -12.33 -11.42
C ILE A 67 2.35 -13.75 -12.00
N ASP A 68 2.39 -14.73 -11.07
CA ASP A 68 2.93 -16.05 -11.42
C ASP A 68 2.04 -17.21 -10.97
N PRO A 69 0.88 -17.36 -11.68
CA PRO A 69 -0.07 -18.43 -11.39
C PRO A 69 0.55 -19.81 -11.65
N GLY A 70 1.51 -19.84 -12.55
CA GLY A 70 2.17 -21.09 -12.87
C GLY A 70 3.43 -21.31 -12.06
N VAL A 71 3.53 -20.63 -10.92
CA VAL A 71 4.71 -20.76 -10.07
C VAL A 71 5.02 -22.23 -9.73
N GLY A 72 6.30 -22.57 -9.77
CA GLY A 72 6.70 -23.92 -9.45
C GLY A 72 6.46 -24.96 -10.55
N THR A 73 5.88 -24.54 -11.68
CA THR A 73 5.63 -25.47 -12.78
C THR A 73 6.78 -25.44 -13.76
N GLU A 74 6.54 -25.93 -14.97
CA GLU A 74 7.57 -25.99 -16.01
C GLU A 74 7.93 -24.62 -16.57
N ARG A 75 7.06 -23.63 -16.33
CA ARG A 75 7.28 -22.28 -16.83
C ARG A 75 8.66 -21.76 -16.41
N ARG A 76 9.35 -21.11 -17.34
CA ARG A 76 10.67 -20.57 -17.05
C ARG A 76 10.62 -19.24 -16.30
N ALA A 77 11.72 -18.91 -15.64
CA ALA A 77 11.87 -17.64 -14.94
C ALA A 77 12.90 -16.96 -15.83
N ILE A 78 12.63 -15.74 -16.27
CA ILE A 78 13.57 -15.07 -17.16
C ILE A 78 14.02 -13.67 -16.78
N VAL A 79 15.13 -13.27 -17.38
CA VAL A 79 15.69 -11.94 -17.18
C VAL A 79 15.88 -11.36 -18.57
N ILE A 80 15.34 -10.17 -18.79
CA ILE A 80 15.49 -9.51 -20.08
C ILE A 80 16.44 -8.34 -19.88
N GLU A 81 17.55 -8.36 -20.61
CA GLU A 81 18.55 -7.30 -20.50
C GLU A 81 18.54 -6.33 -21.69
N GLY A 82 18.58 -5.04 -21.38
CA GLY A 82 18.60 -4.00 -22.40
C GLY A 82 18.67 -2.61 -21.81
N ASP A 83 17.92 -1.69 -22.42
CA ASP A 83 17.80 -0.29 -22.00
C ASP A 83 17.58 -0.26 -20.48
N GLN A 84 16.75 -1.19 -20.03
CA GLN A 84 16.39 -1.37 -18.63
C GLN A 84 16.28 -2.88 -18.51
N TYR A 85 16.05 -3.40 -17.31
CA TYR A 85 15.94 -4.84 -17.13
C TYR A 85 14.54 -5.27 -16.70
N LEU A 86 14.16 -6.47 -17.12
CA LEU A 86 12.87 -7.05 -16.72
C LEU A 86 13.22 -8.40 -16.10
N VAL A 87 12.65 -8.69 -14.93
CA VAL A 87 12.87 -9.97 -14.27
C VAL A 87 11.45 -10.44 -13.96
N VAL A 88 10.98 -11.37 -14.78
CA VAL A 88 9.62 -11.87 -14.66
C VAL A 88 9.48 -13.33 -15.04
N PRO A 89 8.31 -13.92 -14.74
CA PRO A 89 8.14 -15.32 -15.12
C PRO A 89 7.88 -15.31 -16.63
N ASP A 90 8.24 -16.39 -17.31
CA ASP A 90 8.03 -16.48 -18.75
C ASP A 90 6.60 -16.91 -19.03
N ASN A 91 5.67 -15.96 -18.86
CA ASN A 91 4.25 -16.20 -19.08
C ASN A 91 3.56 -15.05 -19.83
N GLY A 92 4.35 -14.24 -20.54
CA GLY A 92 3.79 -13.13 -21.30
C GLY A 92 3.76 -11.78 -20.62
N LEU A 93 4.03 -11.75 -19.32
CA LEU A 93 4.03 -10.51 -18.56
C LEU A 93 4.88 -9.40 -19.17
N ALA A 94 5.96 -9.76 -19.85
CA ALA A 94 6.85 -8.77 -20.45
C ALA A 94 6.38 -8.20 -21.77
N THR A 95 5.31 -8.76 -22.34
CA THR A 95 4.81 -8.32 -23.65
C THR A 95 4.75 -6.80 -23.87
N LEU A 96 3.95 -6.10 -23.06
CA LEU A 96 3.82 -4.66 -23.18
C LEU A 96 5.09 -3.87 -22.83
N PRO A 97 5.73 -4.18 -21.70
CA PRO A 97 6.96 -3.45 -21.34
C PRO A 97 8.02 -3.55 -22.42
N LEU A 98 8.12 -4.71 -23.08
CA LEU A 98 9.11 -4.91 -24.12
C LEU A 98 9.08 -3.85 -25.22
N LYS A 99 7.89 -3.28 -25.46
CA LYS A 99 7.70 -2.26 -26.47
C LYS A 99 8.57 -1.03 -26.26
N HIS A 100 9.02 -0.83 -25.01
CA HIS A 100 9.82 0.35 -24.68
C HIS A 100 11.21 0.05 -24.17
N ILE A 101 11.72 -1.12 -24.50
CA ILE A 101 13.04 -1.52 -24.08
C ILE A 101 13.90 -1.96 -25.27
N LYS A 102 15.10 -1.40 -25.38
CA LYS A 102 16.00 -1.79 -26.45
C LYS A 102 16.63 -3.08 -25.91
N VAL A 103 16.13 -4.23 -26.36
CA VAL A 103 16.62 -5.52 -25.88
C VAL A 103 18.00 -5.93 -26.42
N LYS A 104 18.88 -6.33 -25.51
CA LYS A 104 20.23 -6.77 -25.88
C LYS A 104 20.30 -8.29 -25.88
N SER A 105 19.68 -8.91 -24.88
CA SER A 105 19.68 -10.36 -24.77
C SER A 105 18.71 -10.80 -23.67
N VAL A 106 18.35 -12.07 -23.67
CA VAL A 106 17.42 -12.61 -22.70
C VAL A 106 18.07 -13.83 -22.05
N TYR A 107 17.77 -14.06 -20.78
CA TYR A 107 18.35 -15.19 -20.09
C TYR A 107 17.31 -15.97 -19.31
N GLU A 108 17.56 -17.26 -19.15
CA GLU A 108 16.66 -18.08 -18.36
C GLU A 108 17.37 -18.21 -17.01
N ILE A 109 16.66 -17.95 -15.92
CA ILE A 109 17.26 -18.06 -14.61
C ILE A 109 17.38 -19.53 -14.22
N ILE A 110 18.60 -19.95 -13.93
CA ILE A 110 18.88 -21.33 -13.53
C ILE A 110 18.84 -21.41 -12.01
N PRO A 111 17.75 -21.95 -11.45
CA PRO A 111 17.53 -22.10 -10.01
C PRO A 111 18.75 -22.40 -9.14
N ASP A 112 19.49 -23.43 -9.49
CA ASP A 112 20.66 -23.79 -8.69
C ASP A 112 21.72 -22.71 -8.67
N LYS A 113 21.90 -22.00 -9.77
CA LYS A 113 22.90 -20.93 -9.80
C LYS A 113 22.43 -19.77 -8.91
N ILE A 114 21.11 -19.62 -8.78
CA ILE A 114 20.57 -18.57 -7.94
C ILE A 114 20.72 -18.91 -6.47
N ARG A 115 20.46 -20.17 -6.11
CA ARG A 115 20.57 -20.60 -4.72
C ARG A 115 21.99 -20.44 -4.20
N LYS A 116 22.94 -20.39 -5.13
CA LYS A 116 24.34 -20.23 -4.77
C LYS A 116 24.56 -18.81 -4.22
N PHE A 117 23.69 -17.89 -4.61
CA PHE A 117 23.76 -16.49 -4.19
C PHE A 117 22.92 -16.20 -2.95
N THR A 118 21.73 -16.79 -2.89
CA THR A 118 20.83 -16.56 -1.78
C THR A 118 21.18 -17.33 -0.52
N GLY A 119 21.50 -18.60 -0.66
CA GLY A 119 21.86 -19.39 0.50
C GLY A 119 20.68 -20.11 1.14
N TRP A 120 19.49 -19.97 0.57
CA TRP A 120 18.33 -20.65 1.12
C TRP A 120 17.54 -21.37 0.03
N GLU A 121 16.79 -22.39 0.44
CA GLU A 121 16.01 -23.22 -0.46
C GLU A 121 14.93 -22.50 -1.26
N ILE A 122 14.80 -22.90 -2.52
CA ILE A 122 13.79 -22.33 -3.39
C ILE A 122 12.48 -23.08 -3.17
N SER A 123 11.44 -22.35 -2.79
CA SER A 123 10.14 -22.95 -2.54
C SER A 123 9.47 -23.34 -3.86
N SER A 124 8.31 -23.98 -3.77
CA SER A 124 7.59 -24.39 -4.96
C SER A 124 6.44 -23.43 -5.26
N THR A 125 6.06 -22.62 -4.27
CA THR A 125 4.94 -21.69 -4.43
C THR A 125 5.24 -20.21 -4.25
N PHE A 126 6.51 -19.85 -4.02
CA PHE A 126 6.85 -18.44 -3.81
C PHE A 126 8.19 -18.08 -4.48
N HIS A 127 8.23 -18.09 -5.80
CA HIS A 127 9.46 -17.78 -6.50
C HIS A 127 9.81 -16.29 -6.49
N GLY A 128 8.85 -15.47 -6.09
CA GLY A 128 9.10 -14.03 -6.00
C GLY A 128 10.12 -13.74 -4.91
N ARG A 129 10.02 -14.51 -3.84
CA ARG A 129 10.91 -14.37 -2.71
C ARG A 129 12.21 -15.17 -2.92
N ASP A 130 12.12 -16.28 -3.64
CA ASP A 130 13.29 -17.13 -3.81
C ASP A 130 14.05 -17.04 -5.14
N ILE A 131 13.42 -16.51 -6.19
CA ILE A 131 14.09 -16.38 -7.48
C ILE A 131 14.07 -14.97 -8.08
N PHE A 132 12.90 -14.47 -8.43
CA PHE A 132 12.75 -13.15 -9.04
C PHE A 132 13.31 -11.96 -8.23
N GLY A 133 12.95 -11.89 -6.95
CA GLY A 133 13.45 -10.81 -6.11
C GLY A 133 14.97 -10.85 -6.04
N PRO A 134 15.56 -12.00 -5.66
CA PRO A 134 17.02 -12.07 -5.58
C PRO A 134 17.70 -11.71 -6.90
N ALA A 135 17.16 -12.23 -8.01
CA ALA A 135 17.74 -11.96 -9.31
C ALA A 135 17.80 -10.47 -9.59
N GLY A 136 16.74 -9.76 -9.23
CA GLY A 136 16.71 -8.32 -9.44
C GLY A 136 17.72 -7.61 -8.58
N ALA A 137 17.84 -8.04 -7.33
CA ALA A 137 18.80 -7.45 -6.41
C ALA A 137 20.21 -7.63 -6.93
N LEU A 138 20.49 -8.80 -7.49
CA LEU A 138 21.83 -9.08 -8.03
C LEU A 138 22.15 -8.17 -9.21
N ILE A 139 21.23 -8.08 -10.17
CA ILE A 139 21.44 -7.23 -11.35
C ILE A 139 21.66 -5.78 -10.91
N GLU A 140 20.86 -5.35 -9.94
CA GLU A 140 20.95 -4.00 -9.41
C GLU A 140 22.35 -3.67 -8.88
N LYS A 141 23.00 -4.64 -8.22
CA LYS A 141 24.33 -4.39 -7.68
C LYS A 141 25.46 -4.75 -8.64
N GLY A 142 25.13 -4.90 -9.92
CA GLY A 142 26.15 -5.18 -10.93
C GLY A 142 26.43 -6.58 -11.43
N ILE A 143 25.80 -7.59 -10.83
CA ILE A 143 26.02 -8.96 -11.25
C ILE A 143 25.40 -9.20 -12.63
N HIS A 144 26.17 -9.74 -13.56
CA HIS A 144 25.67 -10.01 -14.91
C HIS A 144 24.73 -11.21 -14.83
N PRO A 145 23.64 -11.19 -15.63
CA PRO A 145 22.68 -12.31 -15.61
C PRO A 145 23.34 -13.65 -15.97
N GLU A 146 24.39 -13.62 -16.79
CA GLU A 146 25.10 -14.83 -17.17
C GLU A 146 25.52 -15.60 -15.93
N GLU A 147 25.79 -14.87 -14.85
CA GLU A 147 26.21 -15.50 -13.61
C GLU A 147 25.18 -16.46 -13.04
N PHE A 148 23.89 -16.23 -13.30
CA PHE A 148 22.87 -17.13 -12.77
C PHE A 148 21.85 -17.57 -13.81
N GLY A 149 22.26 -17.62 -15.06
CA GLY A 149 21.34 -18.04 -16.10
C GLY A 149 22.00 -18.29 -17.43
N ARG A 150 21.26 -18.93 -18.34
CA ARG A 150 21.77 -19.22 -19.66
C ARG A 150 20.97 -18.44 -20.69
N GLU A 151 21.67 -17.83 -21.65
CA GLU A 151 21.02 -17.05 -22.68
C GLU A 151 20.02 -17.88 -23.47
N ILE A 152 18.96 -17.24 -23.93
CA ILE A 152 17.92 -17.87 -24.72
C ILE A 152 17.48 -16.88 -25.77
N PRO A 153 16.76 -17.35 -26.80
CA PRO A 153 16.31 -16.46 -27.87
C PRO A 153 15.10 -15.59 -27.52
N VAL A 154 15.24 -14.28 -27.75
CA VAL A 154 14.19 -13.33 -27.48
C VAL A 154 12.85 -13.90 -27.96
N ASP A 155 12.83 -14.34 -29.21
CA ASP A 155 11.64 -14.90 -29.84
C ASP A 155 11.09 -16.16 -29.17
N SER A 156 11.81 -16.71 -28.20
CA SER A 156 11.35 -17.93 -27.55
C SER A 156 10.38 -17.71 -26.40
N ILE A 157 10.40 -16.52 -25.81
CA ILE A 157 9.52 -16.25 -24.68
C ILE A 157 8.05 -16.13 -25.04
N VAL A 158 7.20 -16.46 -24.07
CA VAL A 158 5.75 -16.39 -24.21
C VAL A 158 5.31 -14.95 -24.44
N LYS A 159 4.28 -14.77 -25.24
CA LYS A 159 3.76 -13.43 -25.52
C LYS A 159 2.25 -13.44 -25.54
N LEU A 160 1.67 -12.30 -25.15
CA LEU A 160 0.22 -12.14 -25.13
C LEU A 160 -0.24 -11.50 -26.42
N ASN A 161 -1.51 -11.71 -26.75
CA ASN A 161 -2.09 -11.10 -27.92
C ASN A 161 -2.55 -9.74 -27.44
N VAL A 162 -2.01 -8.68 -28.02
CA VAL A 162 -2.37 -7.34 -27.59
C VAL A 162 -2.72 -6.40 -28.73
N GLU A 163 -2.76 -6.89 -29.95
CA GLU A 163 -3.07 -6.04 -31.09
C GLU A 163 -4.55 -5.71 -31.25
N PRO A 164 -4.85 -4.46 -31.65
CA PRO A 164 -6.25 -4.10 -31.85
C PRO A 164 -6.59 -4.57 -33.26
N ARG A 165 -7.85 -4.96 -33.46
CA ARG A 165 -8.31 -5.44 -34.75
C ARG A 165 -9.21 -4.38 -35.38
N LYS A 166 -9.18 -4.28 -36.70
CA LYS A 166 -10.02 -3.29 -37.36
C LYS A 166 -10.78 -3.91 -38.53
N GLU A 167 -12.09 -3.76 -38.51
CA GLU A 167 -12.95 -4.26 -39.58
C GLU A 167 -13.47 -3.11 -40.44
N GLY A 168 -12.64 -2.71 -41.44
CA GLY A 168 -12.97 -1.53 -42.23
C GLY A 168 -12.57 -0.25 -41.48
N ASP A 169 -13.59 0.45 -40.96
CA ASP A 169 -13.27 1.59 -40.10
C ASP A 169 -13.92 1.46 -38.72
N VAL A 170 -14.46 0.25 -38.47
CA VAL A 170 -14.79 -0.12 -37.09
C VAL A 170 -13.61 -0.85 -36.45
N TRP A 171 -13.26 -0.35 -35.26
CA TRP A 171 -12.19 -0.94 -34.48
C TRP A 171 -12.78 -1.94 -33.52
N ILE A 172 -12.05 -3.00 -33.25
CA ILE A 172 -12.48 -4.00 -32.29
C ILE A 172 -11.38 -3.96 -31.25
N LEU A 173 -11.55 -3.07 -30.29
CA LEU A 173 -10.58 -2.85 -29.23
C LEU A 173 -10.83 -3.70 -28.00
N LYS A 174 -9.79 -3.89 -27.20
CA LYS A 174 -9.88 -4.68 -25.98
C LYS A 174 -9.59 -3.82 -24.76
N VAL A 175 -10.30 -4.10 -23.67
CA VAL A 175 -10.11 -3.37 -22.42
C VAL A 175 -8.86 -3.95 -21.80
N ILE A 176 -7.75 -3.24 -21.90
CA ILE A 176 -6.51 -3.75 -21.34
C ILE A 176 -6.31 -3.33 -19.90
N TYR A 177 -7.09 -2.35 -19.44
CA TYR A 177 -6.97 -1.89 -18.06
C TYR A 177 -8.12 -1.02 -17.58
N ILE A 178 -8.44 -1.16 -16.30
CA ILE A 178 -9.46 -0.35 -15.66
C ILE A 178 -8.84 0.11 -14.33
N ASP A 179 -8.79 1.41 -14.08
CA ASP A 179 -8.19 1.89 -12.83
C ASP A 179 -9.17 2.01 -11.67
N ASP A 180 -8.71 2.56 -10.56
CA ASP A 180 -9.55 2.72 -9.37
C ASP A 180 -10.70 3.71 -9.49
N PHE A 181 -10.69 4.52 -10.53
CA PHE A 181 -11.76 5.49 -10.76
C PHE A 181 -12.78 4.91 -11.73
N GLY A 182 -12.44 3.78 -12.34
CA GLY A 182 -13.34 3.18 -13.30
C GLY A 182 -13.08 3.66 -14.72
N ASN A 183 -11.93 4.30 -14.94
CA ASN A 183 -11.60 4.77 -16.28
C ASN A 183 -11.18 3.51 -17.03
N VAL A 184 -11.69 3.37 -18.25
CA VAL A 184 -11.42 2.21 -19.10
C VAL A 184 -10.37 2.53 -20.15
N ILE A 185 -9.29 1.74 -20.20
CA ILE A 185 -8.24 1.93 -21.19
C ILE A 185 -8.41 0.90 -22.31
N LEU A 186 -8.51 1.38 -23.55
CA LEU A 186 -8.67 0.48 -24.69
C LEU A 186 -7.36 0.40 -25.46
N ASN A 187 -7.02 -0.79 -25.96
CA ASN A 187 -5.76 -1.00 -26.66
C ASN A 187 -5.60 -0.35 -28.04
N LEU A 188 -5.90 0.95 -28.13
CA LEU A 188 -5.73 1.65 -29.39
C LEU A 188 -4.76 2.81 -29.19
N GLU A 189 -3.71 2.86 -30.00
CA GLU A 189 -2.74 3.94 -29.86
C GLU A 189 -2.24 4.46 -31.19
N ASN A 190 -1.71 5.68 -31.18
CA ASN A 190 -1.20 6.30 -32.41
C ASN A 190 -2.25 6.33 -33.52
N TYR A 191 -3.39 6.94 -33.21
CA TYR A 191 -4.50 7.06 -34.15
C TYR A 191 -4.72 8.56 -34.37
N GLU A 192 -5.37 8.91 -35.48
CA GLU A 192 -5.65 10.32 -35.76
C GLU A 192 -6.69 10.76 -34.74
N LYS A 193 -6.42 11.84 -34.02
CA LYS A 193 -7.41 12.18 -33.00
C LYS A 193 -8.75 12.58 -33.62
N PRO A 194 -9.79 11.93 -33.09
CA PRO A 194 -11.15 12.09 -33.57
C PRO A 194 -11.81 13.29 -32.88
N ARG A 195 -13.02 13.62 -33.37
CA ARG A 195 -13.84 14.58 -32.64
C ARG A 195 -14.85 13.84 -31.76
N THR A 196 -15.38 12.76 -32.34
CA THR A 196 -16.30 11.90 -31.63
C THR A 196 -15.79 10.45 -31.63
N VAL A 197 -16.07 9.76 -30.52
CA VAL A 197 -15.84 8.33 -30.46
C VAL A 197 -17.16 7.60 -30.18
N GLU A 198 -17.57 6.72 -31.10
CA GLU A 198 -18.83 6.05 -30.74
C GLU A 198 -18.62 4.59 -30.34
N LEU A 199 -19.08 4.26 -29.12
CA LEU A 199 -19.10 2.87 -28.70
C LEU A 199 -20.32 2.13 -29.29
N LEU A 200 -20.09 1.51 -30.45
CA LEU A 200 -21.19 0.94 -31.24
C LEU A 200 -22.05 -0.02 -30.43
N ASP A 201 -21.42 -0.71 -29.45
CA ASP A 201 -22.16 -1.73 -28.72
C ASP A 201 -23.19 -1.14 -27.74
N PHE A 202 -22.96 0.13 -27.35
CA PHE A 202 -23.91 0.78 -26.45
C PHE A 202 -24.70 1.91 -27.14
N ASN A 203 -24.49 2.03 -28.46
CA ASN A 203 -25.09 3.15 -29.18
C ASN A 203 -24.87 4.44 -28.40
N LEU A 204 -23.58 4.70 -28.14
CA LEU A 204 -23.19 5.93 -27.47
C LEU A 204 -22.25 6.74 -28.35
N ARG A 205 -22.54 8.03 -28.40
CA ARG A 205 -21.62 8.92 -29.06
C ARG A 205 -20.83 9.71 -28.04
N LEU A 206 -19.50 9.73 -28.00
CA LEU A 206 -18.81 10.47 -26.97
C LEU A 206 -17.91 11.57 -27.49
N PRO A 207 -17.91 12.72 -26.82
CA PRO A 207 -17.03 13.78 -27.31
C PRO A 207 -15.59 13.36 -26.97
N TYR A 208 -14.64 13.74 -27.81
CA TYR A 208 -13.23 13.43 -27.57
C TYR A 208 -12.62 14.73 -27.08
N LEU A 209 -12.37 14.83 -25.79
CA LEU A 209 -11.82 16.03 -25.20
C LEU A 209 -10.52 15.71 -24.44
N GLU A 210 -9.76 16.74 -24.08
CA GLU A 210 -8.49 16.56 -23.38
C GLU A 210 -8.54 16.17 -21.90
N THR A 211 -9.61 16.51 -21.19
CA THR A 211 -9.67 16.15 -19.78
C THR A 211 -11.06 15.94 -19.22
N TYR A 212 -11.11 15.39 -18.01
CA TYR A 212 -12.36 15.08 -17.33
C TYR A 212 -13.26 16.27 -17.16
N GLY A 213 -12.70 17.34 -16.60
CA GLY A 213 -13.47 18.55 -16.35
C GLY A 213 -14.13 19.25 -17.52
N LEU A 214 -13.85 18.79 -18.75
CA LEU A 214 -14.44 19.43 -19.92
C LEU A 214 -15.89 19.01 -20.24
N VAL A 215 -16.48 18.22 -19.35
CA VAL A 215 -17.87 17.80 -19.48
C VAL A 215 -18.48 17.92 -18.10
N GLU A 216 -19.79 17.89 -18.02
CA GLU A 216 -20.48 18.00 -16.74
C GLU A 216 -20.24 16.75 -15.92
N LYS A 217 -20.45 16.87 -14.61
CA LYS A 217 -20.28 15.71 -13.74
C LYS A 217 -21.26 14.63 -14.21
N GLY A 218 -20.80 13.38 -14.16
CA GLY A 218 -21.67 12.28 -14.57
C GLY A 218 -21.68 12.00 -16.05
N GLU A 219 -21.16 12.93 -16.86
CA GLU A 219 -21.12 12.73 -18.30
C GLU A 219 -19.91 11.89 -18.73
N LEU A 221 -16.99 10.69 -21.59
CA LEU A 221 -16.17 11.19 -22.69
C LEU A 221 -15.05 10.21 -23.04
N ALA A 222 -14.32 10.55 -24.10
CA ALA A 222 -13.18 9.78 -24.55
C ALA A 222 -12.04 10.79 -24.54
N LEU A 223 -10.86 10.38 -24.10
CA LEU A 223 -9.74 11.33 -24.06
C LEU A 223 -8.45 10.65 -24.47
N PRO A 224 -7.41 11.44 -24.76
CA PRO A 224 -6.11 10.89 -25.15
C PRO A 224 -5.55 10.10 -23.97
N GLY A 225 -5.86 10.56 -22.77
CA GLY A 225 -5.38 9.88 -21.58
C GLY A 225 -3.94 10.25 -21.26
N SER A 226 -3.35 9.55 -20.31
CA SER A 226 -1.98 9.85 -19.93
C SER A 226 -1.05 8.68 -20.22
N HIS A 227 -1.57 7.68 -20.91
CA HIS A 227 -0.78 6.49 -21.23
C HIS A 227 -0.74 6.11 -22.69
N ASP A 228 -1.02 7.11 -23.54
CA ASP A 228 -1.02 6.95 -24.99
C ASP A 228 -2.07 6.02 -25.58
N TYR A 229 -2.96 5.50 -24.76
CA TYR A 229 -4.03 4.63 -25.23
C TYR A 229 -5.34 5.38 -25.13
N LEU A 230 -6.32 4.99 -25.94
CA LEU A 230 -7.65 5.60 -25.92
C LEU A 230 -8.33 5.33 -24.58
N GLU A 231 -8.70 6.39 -23.87
CA GLU A 231 -9.37 6.24 -22.58
C GLU A 231 -10.83 6.67 -22.62
N ILE A 232 -11.68 5.87 -21.99
CA ILE A 232 -13.11 6.17 -21.88
C ILE A 232 -13.34 6.49 -20.40
N ALA A 233 -13.99 7.61 -20.11
CA ALA A 233 -14.23 7.96 -18.72
C ALA A 233 -15.52 8.75 -18.47
N VAL A 234 -15.90 8.78 -17.19
CA VAL A 234 -17.06 9.51 -16.75
C VAL A 234 -16.50 10.55 -15.79
N ASN A 235 -16.74 11.83 -16.07
CA ASN A 235 -16.25 12.89 -15.21
C ASN A 235 -16.74 12.70 -13.78
N GLY A 237 -17.05 9.98 -12.33
CA GLY A 237 -17.83 8.76 -12.27
C GLY A 237 -17.03 7.56 -12.74
N SER A 238 -17.69 6.42 -12.92
CA SER A 238 -17.01 5.21 -13.35
C SER A 238 -17.51 4.64 -14.68
N ALA A 239 -16.76 4.91 -15.75
CA ALA A 239 -17.12 4.41 -17.06
C ALA A 239 -17.26 2.89 -17.03
N ALA A 240 -16.39 2.25 -16.27
CA ALA A 240 -16.41 0.80 -16.17
C ALA A 240 -17.74 0.29 -15.62
N GLU A 241 -18.29 0.96 -14.61
CA GLU A 241 -19.57 0.52 -14.08
C GLU A 241 -20.71 0.90 -15.01
N ARG A 242 -20.63 2.07 -15.63
CA ARG A 242 -21.67 2.50 -16.56
C ARG A 242 -21.75 1.59 -17.79
N LEU A 243 -20.60 1.24 -18.36
CA LEU A 243 -20.59 0.37 -19.53
C LEU A 243 -20.61 -1.08 -19.10
N ASN A 244 -20.38 -1.30 -17.82
CA ASN A 244 -20.34 -2.65 -17.26
C ASN A 244 -19.40 -3.57 -18.03
N VAL A 245 -18.16 -3.14 -18.23
CA VAL A 245 -17.15 -3.93 -18.94
C VAL A 245 -16.05 -4.34 -17.98
N LYS A 246 -15.32 -5.40 -18.33
CA LYS A 246 -14.23 -5.88 -17.49
C LYS A 246 -12.96 -6.06 -18.34
N VAL A 247 -11.79 -6.09 -17.71
CA VAL A 247 -10.57 -6.26 -18.49
C VAL A 247 -10.71 -7.50 -19.35
N GLY A 248 -10.29 -7.39 -20.61
CA GLY A 248 -10.39 -8.52 -21.51
C GLY A 248 -11.57 -8.43 -22.47
N ASP A 249 -12.59 -7.65 -22.13
CA ASP A 249 -13.77 -7.49 -23.00
C ASP A 249 -13.41 -6.74 -24.29
N GLU A 250 -14.19 -6.96 -25.34
CA GLU A 250 -13.96 -6.29 -26.60
C GLU A 250 -15.09 -5.34 -26.94
N LEU A 251 -14.74 -4.17 -27.47
CA LEU A 251 -15.74 -3.16 -27.81
C LEU A 251 -15.61 -2.73 -29.27
N ARG A 252 -16.74 -2.65 -29.98
CA ARG A 252 -16.74 -2.21 -31.36
C ARG A 252 -16.73 -0.69 -31.27
N VAL A 253 -15.72 -0.07 -31.87
CA VAL A 253 -15.56 1.37 -31.81
C VAL A 253 -15.31 2.03 -33.15
N ARG A 254 -15.92 3.20 -33.36
CA ARG A 254 -15.67 3.99 -34.57
C ARG A 254 -15.33 5.43 -34.22
N LEU A 255 -14.23 5.91 -34.83
CA LEU A 255 -13.83 7.30 -34.62
C LEU A 255 -14.32 8.20 -35.76
N LEU A 256 -15.05 9.26 -35.38
CA LEU A 256 -15.48 10.24 -36.37
C LEU A 256 -14.61 11.50 -36.30
N ILE B 2 14.46 -1.34 9.39
CA ILE B 2 13.32 -1.55 10.26
C ILE B 2 12.12 -2.02 9.44
N THR B 3 11.44 -3.08 9.89
CA THR B 3 10.25 -3.53 9.17
C THR B 3 9.06 -3.01 9.97
N LEU B 4 7.91 -2.83 9.29
CA LEU B 4 6.69 -2.34 9.94
C LEU B 4 5.48 -3.23 9.65
N THR B 5 4.81 -3.65 10.72
CA THR B 5 3.61 -4.49 10.60
C THR B 5 2.53 -3.88 11.50
N THR B 6 1.39 -3.51 10.91
CA THR B 6 0.30 -2.93 11.71
C THR B 6 -1.07 -3.24 11.10
N ASP B 7 -2.11 -2.78 11.81
CA ASP B 7 -3.49 -2.97 11.40
C ASP B 7 -4.09 -1.59 11.24
N PHE B 8 -3.23 -0.58 11.08
CA PHE B 8 -3.67 0.79 10.95
C PHE B 8 -4.60 1.03 9.77
N GLY B 9 -4.37 0.29 8.69
CA GLY B 9 -5.16 0.46 7.49
C GLY B 9 -4.38 1.32 6.52
N LEU B 10 -4.84 1.43 5.28
CA LEU B 10 -4.13 2.23 4.29
C LEU B 10 -4.79 3.55 3.94
N LYS B 11 -6.05 3.70 4.29
CA LYS B 11 -6.78 4.92 3.96
C LYS B 11 -6.80 5.94 5.10
N GLY B 12 -5.65 6.57 5.33
CA GLY B 12 -5.54 7.55 6.41
C GLY B 12 -4.13 8.07 6.58
N PRO B 13 -3.84 8.78 7.69
CA PRO B 13 -2.52 9.33 7.95
C PRO B 13 -1.67 8.56 8.97
N TYR B 14 -2.25 7.54 9.59
CA TYR B 14 -1.55 6.77 10.61
C TYR B 14 -0.18 6.25 10.22
N VAL B 15 -0.09 5.52 9.11
CA VAL B 15 1.19 4.98 8.68
C VAL B 15 2.20 6.08 8.38
N GLY B 16 1.76 7.12 7.69
CA GLY B 16 2.64 8.23 7.35
C GLY B 16 3.16 8.90 8.61
N GLU B 17 2.25 9.18 9.54
CA GLU B 17 2.61 9.83 10.78
C GLU B 17 3.71 9.06 11.52
N LYS B 19 5.88 6.97 10.19
CA LYS B 19 7.10 7.07 9.42
C LYS B 19 7.83 8.39 9.60
N VAL B 20 7.14 9.52 9.48
CA VAL B 20 7.83 10.79 9.64
C VAL B 20 8.34 10.96 11.08
N ALA B 21 7.60 10.43 12.04
CA ALA B 21 7.99 10.50 13.43
C ALA B 21 9.31 9.76 13.59
N LEU B 23 11.46 9.11 11.27
CA LEU B 23 12.55 9.79 10.56
C LEU B 23 13.05 11.03 11.31
N ARG B 24 12.13 11.62 12.12
CA ARG B 24 12.55 12.72 12.98
C ARG B 24 13.67 12.26 13.92
N ILE B 25 13.47 11.05 14.47
CA ILE B 25 14.42 10.51 15.43
C ILE B 25 15.62 9.88 14.73
N ASN B 26 15.41 9.31 13.55
CA ASN B 26 16.48 8.70 12.77
C ASN B 26 16.18 8.90 11.28
N PRO B 27 16.56 10.06 10.74
CA PRO B 27 16.31 10.37 9.33
C PRO B 27 16.92 9.46 8.27
N ASN B 28 17.92 8.67 8.59
CA ASN B 28 18.44 7.81 7.54
C ASN B 28 18.13 6.34 7.83
N ALA B 29 17.02 6.12 8.51
CA ALA B 29 16.58 4.76 8.81
C ALA B 29 15.93 4.20 7.55
N LYS B 30 16.23 2.95 7.21
CA LYS B 30 15.63 2.33 6.04
C LYS B 30 14.39 1.59 6.56
N ILE B 31 13.22 2.13 6.27
CA ILE B 31 11.96 1.54 6.72
C ILE B 31 11.27 0.70 5.64
N VAL B 32 11.02 -0.57 5.96
CA VAL B 32 10.36 -1.50 5.05
C VAL B 32 8.96 -1.87 5.51
N ASP B 33 7.96 -1.58 4.69
CA ASP B 33 6.59 -1.90 5.02
C ASP B 33 6.27 -3.37 4.73
N VAL B 34 5.90 -4.11 5.76
CA VAL B 34 5.51 -5.49 5.55
C VAL B 34 4.04 -5.38 5.13
N THR B 35 3.21 -4.98 6.08
CA THR B 35 1.79 -4.77 5.80
C THR B 35 1.16 -3.87 6.84
N HIS B 36 0.05 -3.24 6.47
CA HIS B 36 -0.68 -2.39 7.40
C HIS B 36 -2.15 -2.78 7.31
N SER B 37 -2.39 -3.89 6.62
CA SER B 37 -3.75 -4.38 6.44
C SER B 37 -4.12 -5.59 7.28
N VAL B 38 -3.38 -5.81 8.37
CA VAL B 38 -3.68 -6.93 9.25
C VAL B 38 -5.09 -6.69 9.78
N THR B 39 -5.91 -7.74 9.80
CA THR B 39 -7.29 -7.65 10.27
C THR B 39 -7.30 -6.88 11.59
N ARG B 40 -8.16 -5.86 11.68
CA ARG B 40 -8.22 -5.05 12.90
C ARG B 40 -8.12 -5.84 14.21
N HIS B 41 -7.19 -5.42 15.05
CA HIS B 41 -6.95 -6.02 16.36
C HIS B 41 -6.52 -7.49 16.34
N SER B 42 -6.35 -8.08 15.17
CA SER B 42 -5.96 -9.49 15.12
C SER B 42 -4.49 -9.75 15.43
N ILE B 43 -4.21 -10.01 16.70
CA ILE B 43 -2.86 -10.28 17.16
C ILE B 43 -2.26 -11.54 16.55
N LEU B 44 -3.07 -12.59 16.43
CA LEU B 44 -2.59 -13.84 15.85
C LEU B 44 -2.12 -13.67 14.40
N GLU B 45 -2.93 -13.01 13.58
CA GLU B 45 -2.55 -12.79 12.18
C GLU B 45 -1.31 -11.90 12.12
N GLY B 46 -1.29 -10.87 12.96
CA GLY B 46 -0.15 -9.99 13.01
C GLY B 46 1.08 -10.79 13.39
N SER B 47 0.91 -11.75 14.30
CA SER B 47 2.02 -12.56 14.75
C SER B 47 2.52 -13.47 13.63
N PHE B 48 1.60 -14.04 12.86
CA PHE B 48 1.99 -14.90 11.76
C PHE B 48 2.78 -14.10 10.72
N VAL B 49 2.26 -12.93 10.38
CA VAL B 49 2.92 -12.08 9.40
C VAL B 49 4.38 -11.81 9.82
N GLU B 51 6.25 -13.40 11.95
CA GLU B 51 7.03 -14.64 11.99
C GLU B 51 7.65 -14.93 10.62
N GLN B 52 6.88 -14.74 9.56
CA GLN B 52 7.40 -15.00 8.23
C GLN B 52 8.50 -14.02 7.82
N VAL B 53 8.28 -12.73 8.05
CA VAL B 53 9.27 -11.72 7.71
C VAL B 53 10.55 -11.93 8.49
N VAL B 54 10.40 -12.21 9.78
CA VAL B 54 11.57 -12.43 10.62
C VAL B 54 12.41 -13.60 10.11
N LYS B 55 11.75 -14.61 9.56
CA LYS B 55 12.47 -15.78 9.05
C LYS B 55 13.47 -15.46 7.93
N TYR B 56 13.19 -14.44 7.13
CA TYR B 56 14.07 -14.08 6.02
C TYR B 56 14.83 -12.78 6.20
N SER B 57 14.64 -12.12 7.33
CA SER B 57 15.33 -10.85 7.56
C SER B 57 16.76 -11.07 8.00
N PRO B 58 17.66 -10.15 7.64
CA PRO B 58 19.09 -10.17 7.98
C PRO B 58 19.24 -10.05 9.48
N LYS B 59 20.23 -10.71 10.06
CA LYS B 59 20.42 -10.58 11.49
C LYS B 59 20.69 -9.11 11.78
N GLY B 60 20.17 -8.63 12.91
CA GLY B 60 20.35 -7.23 13.27
C GLY B 60 19.16 -6.37 12.90
N THR B 61 18.21 -6.94 12.17
CA THR B 61 17.02 -6.23 11.74
C THR B 61 16.13 -5.84 12.90
N VAL B 62 15.47 -4.69 12.80
CA VAL B 62 14.56 -4.23 13.83
C VAL B 62 13.13 -4.34 13.31
N HIS B 63 12.28 -5.04 14.06
CA HIS B 63 10.88 -5.22 13.66
C HIS B 63 9.90 -4.52 14.60
N VAL B 64 9.19 -3.55 14.07
CA VAL B 64 8.20 -2.83 14.86
C VAL B 64 6.86 -3.44 14.48
N GLY B 65 6.10 -3.88 15.48
CA GLY B 65 4.81 -4.47 15.22
C GLY B 65 3.74 -3.78 16.03
N VAL B 66 2.67 -3.32 15.37
CA VAL B 66 1.64 -2.64 16.11
C VAL B 66 0.18 -2.98 15.81
N ILE B 67 -0.31 -4.03 16.47
CA ILE B 67 -1.72 -4.41 16.39
C ILE B 67 -1.98 -4.18 17.88
N ASP B 68 -2.48 -3.00 18.21
CA ASP B 68 -2.67 -2.61 19.60
C ASP B 68 -4.09 -2.24 20.02
N PRO B 69 -4.97 -3.24 20.20
CA PRO B 69 -6.34 -2.92 20.61
C PRO B 69 -6.36 -2.37 22.04
N GLY B 70 -5.39 -2.80 22.85
CA GLY B 70 -5.30 -2.33 24.21
C GLY B 70 -4.47 -1.07 24.40
N VAL B 71 -4.23 -0.34 23.31
CA VAL B 71 -3.44 0.90 23.37
C VAL B 71 -4.03 1.81 24.45
N GLY B 72 -3.17 2.50 25.19
CA GLY B 72 -3.64 3.40 26.23
C GLY B 72 -3.96 2.74 27.56
N THR B 73 -4.18 1.42 27.58
CA THR B 73 -4.49 0.74 28.83
C THR B 73 -3.21 0.47 29.63
N GLU B 74 -3.20 -0.62 30.40
CA GLU B 74 -2.06 -0.83 31.26
C GLU B 74 -1.13 -1.92 30.73
N ARG B 75 -1.41 -2.36 29.49
CA ARG B 75 -0.54 -3.35 28.87
C ARG B 75 0.86 -2.78 28.61
N ARG B 76 1.87 -3.66 28.73
CA ARG B 76 3.24 -3.19 28.64
C ARG B 76 3.71 -3.01 27.19
N ALA B 77 4.56 -1.99 26.99
CA ALA B 77 5.26 -1.85 25.72
C ALA B 77 6.70 -2.36 25.86
N ILE B 78 7.02 -3.40 25.08
CA ILE B 78 8.31 -4.05 25.24
C ILE B 78 9.14 -4.02 23.97
N VAL B 79 10.39 -4.34 24.29
CA VAL B 79 11.46 -4.47 23.31
C VAL B 79 12.12 -5.80 23.56
N ILE B 80 12.21 -6.63 22.53
CA ILE B 80 12.85 -7.92 22.68
C ILE B 80 14.18 -7.82 21.93
N GLU B 81 15.27 -7.89 22.68
CA GLU B 81 16.60 -7.81 22.10
C GLU B 81 17.24 -9.18 21.92
N GLY B 82 17.62 -9.49 20.68
CA GLY B 82 18.25 -10.77 20.41
C GLY B 82 18.90 -10.80 19.04
N ASP B 83 18.78 -11.95 18.38
CA ASP B 83 19.29 -12.19 17.03
C ASP B 83 18.87 -10.99 16.19
N GLN B 84 17.62 -10.60 16.39
CA GLN B 84 17.00 -9.47 15.74
C GLN B 84 16.21 -8.80 16.86
N TYR B 85 15.52 -7.69 16.58
CA TYR B 85 14.74 -7.00 17.60
C TYR B 85 13.26 -6.99 17.31
N LEU B 86 12.46 -6.95 18.36
CA LEU B 86 11.01 -6.88 18.22
C LEU B 86 10.54 -5.74 19.11
N VAL B 87 9.84 -4.77 18.53
CA VAL B 87 9.32 -3.65 19.30
C VAL B 87 7.82 -3.79 19.14
N VAL B 88 7.17 -4.32 20.17
CA VAL B 88 5.74 -4.59 20.13
C VAL B 88 5.02 -4.47 21.46
N PRO B 89 3.67 -4.45 21.44
CA PRO B 89 2.90 -4.35 22.68
C PRO B 89 3.01 -5.72 23.32
N ASP B 90 3.06 -5.77 24.65
CA ASP B 90 3.15 -7.03 25.35
C ASP B 90 1.74 -7.64 25.39
N ASN B 91 1.29 -8.15 24.24
CA ASN B 91 -0.04 -8.74 24.13
C ASN B 91 -0.05 -10.07 23.38
N GLY B 92 1.10 -10.71 23.28
CA GLY B 92 1.17 -11.99 22.59
C GLY B 92 1.61 -11.86 21.15
N LEU B 93 1.65 -10.63 20.65
CA LEU B 93 2.06 -10.39 19.27
C LEU B 93 3.45 -10.93 18.91
N ALA B 94 4.32 -11.11 19.90
CA ALA B 94 5.67 -11.60 19.65
C ALA B 94 5.80 -13.13 19.60
N THR B 95 4.75 -13.83 20.03
CA THR B 95 4.74 -15.29 20.07
C THR B 95 5.39 -16.01 18.88
N LEU B 96 4.76 -15.92 17.71
CA LEU B 96 5.29 -16.60 16.53
C LEU B 96 6.72 -16.19 16.15
N PRO B 97 7.00 -14.87 16.08
CA PRO B 97 8.34 -14.40 15.73
C PRO B 97 9.42 -14.91 16.67
N LEU B 98 9.09 -14.97 17.96
CA LEU B 98 10.05 -15.45 18.96
C LEU B 98 10.57 -16.84 18.66
N LYS B 99 9.80 -17.60 17.88
CA LYS B 99 10.20 -18.97 17.54
C LYS B 99 11.48 -18.98 16.72
N HIS B 100 11.80 -17.85 16.10
CA HIS B 100 12.98 -17.78 15.26
C HIS B 100 14.02 -16.75 15.71
N ILE B 101 13.99 -16.40 16.99
CA ILE B 101 14.93 -15.42 17.52
C ILE B 101 15.68 -15.89 18.77
N LYS B 102 16.99 -15.72 18.74
CA LYS B 102 17.85 -16.06 19.87
C LYS B 102 17.76 -14.86 20.80
N VAL B 103 16.88 -14.94 21.79
CA VAL B 103 16.66 -13.85 22.74
C VAL B 103 17.78 -13.62 23.74
N LYS B 104 18.13 -12.35 23.92
CA LYS B 104 19.18 -11.96 24.85
C LYS B 104 18.54 -11.29 26.06
N SER B 105 17.68 -10.31 25.81
CA SER B 105 17.02 -9.60 26.90
C SER B 105 15.67 -9.06 26.45
N VAL B 106 14.85 -8.66 27.42
CA VAL B 106 13.55 -8.10 27.12
C VAL B 106 13.46 -6.84 27.95
N TYR B 107 12.84 -5.81 27.42
CA TYR B 107 12.75 -4.55 28.13
C TYR B 107 11.36 -3.94 28.05
N GLU B 108 10.92 -3.35 29.14
CA GLU B 108 9.64 -2.67 29.15
C GLU B 108 10.03 -1.22 28.85
N ILE B 109 9.42 -0.65 27.82
CA ILE B 109 9.70 0.72 27.44
C ILE B 109 9.08 1.62 28.52
N ILE B 110 9.80 2.68 28.88
CA ILE B 110 9.31 3.63 29.88
C ILE B 110 8.92 4.92 29.16
N PRO B 111 7.61 5.18 29.07
CA PRO B 111 7.07 6.37 28.42
C PRO B 111 7.82 7.68 28.66
N ASP B 112 8.18 7.93 29.92
CA ASP B 112 8.89 9.16 30.28
C ASP B 112 10.27 9.25 29.64
N LYS B 113 10.95 8.11 29.52
CA LYS B 113 12.26 8.14 28.88
C LYS B 113 12.13 8.34 27.36
N ILE B 114 11.13 7.65 26.78
CA ILE B 114 10.95 7.78 25.34
C ILE B 114 10.59 9.22 24.92
N ARG B 115 9.79 9.90 25.77
CA ARG B 115 9.46 11.28 25.43
C ARG B 115 10.66 12.20 25.54
N LYS B 116 11.69 11.72 26.28
CA LYS B 116 12.92 12.50 26.37
C LYS B 116 13.64 12.56 25.02
N PHE B 117 13.48 11.47 24.26
CA PHE B 117 14.10 11.37 22.94
C PHE B 117 13.21 11.95 21.84
N THR B 118 11.90 11.97 22.04
CA THR B 118 11.03 12.47 21.00
C THR B 118 10.73 13.96 21.07
N GLY B 119 10.40 14.48 22.25
CA GLY B 119 10.11 15.89 22.36
C GLY B 119 8.63 16.21 22.32
N TRP B 120 7.81 15.33 21.75
CA TRP B 120 6.37 15.56 21.70
C TRP B 120 5.63 14.68 22.72
N GLU B 121 4.41 15.06 23.04
CA GLU B 121 3.58 14.34 24.02
C GLU B 121 3.10 12.97 23.55
N ILE B 122 2.95 12.05 24.49
CA ILE B 122 2.50 10.70 24.19
C ILE B 122 0.98 10.60 24.28
N SER B 123 0.33 10.39 23.13
CA SER B 123 -1.12 10.27 23.09
C SER B 123 -1.55 8.97 23.76
N SER B 124 -2.85 8.83 23.99
CA SER B 124 -3.38 7.64 24.63
C SER B 124 -3.87 6.61 23.62
N THR B 125 -4.12 7.06 22.38
CA THR B 125 -4.63 6.14 21.38
C THR B 125 -3.72 5.81 20.20
N PHE B 126 -2.58 6.47 20.09
CA PHE B 126 -1.66 6.22 18.98
C PHE B 126 -0.21 5.99 19.44
N HIS B 127 0.03 4.88 20.11
CA HIS B 127 1.35 4.57 20.61
C HIS B 127 2.34 4.17 19.52
N GLY B 128 1.83 3.78 18.37
CA GLY B 128 2.73 3.42 17.29
C GLY B 128 3.54 4.62 16.86
N ARG B 129 2.91 5.79 16.91
CA ARG B 129 3.56 7.03 16.53
C ARG B 129 4.34 7.70 17.65
N ASP B 130 3.97 7.43 18.90
CA ASP B 130 4.61 8.08 20.03
C ASP B 130 5.54 7.21 20.87
N ILE B 131 5.41 5.89 20.74
CA ILE B 131 6.27 5.00 21.51
C ILE B 131 6.98 3.96 20.66
N PHE B 132 6.21 3.02 20.12
CA PHE B 132 6.77 1.93 19.32
C PHE B 132 7.63 2.37 18.13
N GLY B 133 7.13 3.26 17.29
CA GLY B 133 7.91 3.72 16.16
C GLY B 133 9.22 4.35 16.60
N PRO B 134 9.17 5.34 17.51
CA PRO B 134 10.39 6.00 17.99
C PRO B 134 11.39 4.98 18.53
N ALA B 135 10.90 4.06 19.35
CA ALA B 135 11.73 3.02 19.94
C ALA B 135 12.47 2.23 18.87
N GLY B 136 11.77 1.93 17.78
CA GLY B 136 12.38 1.17 16.71
C GLY B 136 13.47 1.99 16.07
N ALA B 137 13.17 3.25 15.82
CA ALA B 137 14.13 4.16 15.21
C ALA B 137 15.37 4.33 16.07
N LEU B 138 15.20 4.38 17.40
CA LEU B 138 16.34 4.55 18.28
C LEU B 138 17.29 3.35 18.19
N ILE B 139 16.75 2.13 18.31
CA ILE B 139 17.56 0.92 18.23
C ILE B 139 18.31 0.83 16.91
N GLU B 140 17.65 1.23 15.81
CA GLU B 140 18.28 1.21 14.48
C GLU B 140 19.54 2.05 14.43
N LYS B 141 19.59 3.11 15.22
CA LYS B 141 20.77 3.94 15.17
C LYS B 141 21.80 3.66 16.26
N GLY B 142 21.64 2.56 16.99
CA GLY B 142 22.60 2.19 18.01
C GLY B 142 22.30 2.44 19.48
N ILE B 143 21.20 3.13 19.78
CA ILE B 143 20.83 3.38 21.17
C ILE B 143 20.44 2.05 21.82
N HIS B 144 20.92 1.80 23.03
CA HIS B 144 20.58 0.56 23.74
C HIS B 144 19.20 0.67 24.36
N PRO B 145 18.44 -0.43 24.40
CA PRO B 145 17.10 -0.38 24.99
C PRO B 145 17.13 0.07 26.46
N GLU B 146 18.18 -0.32 27.19
CA GLU B 146 18.32 0.04 28.58
C GLU B 146 18.14 1.54 28.77
N GLU B 147 18.58 2.29 27.78
CA GLU B 147 18.52 3.75 27.76
C GLU B 147 17.10 4.30 27.90
N PHE B 148 16.10 3.56 27.43
CA PHE B 148 14.73 4.03 27.53
C PHE B 148 13.74 2.99 28.05
N GLY B 149 14.25 1.99 28.77
CA GLY B 149 13.38 0.97 29.35
C GLY B 149 14.06 0.21 30.49
N ARG B 150 13.25 -0.60 31.19
CA ARG B 150 13.79 -1.43 32.27
C ARG B 150 13.62 -2.91 31.95
N GLU B 151 14.72 -3.67 32.14
CA GLU B 151 14.64 -5.09 31.84
C GLU B 151 13.55 -5.79 32.65
N ILE B 152 13.01 -6.82 32.01
CA ILE B 152 11.96 -7.64 32.59
C ILE B 152 12.22 -9.10 32.21
N PRO B 153 11.66 -10.04 32.98
CA PRO B 153 11.84 -11.47 32.71
C PRO B 153 11.34 -11.87 31.32
N VAL B 154 12.19 -12.59 30.60
CA VAL B 154 11.83 -13.06 29.26
C VAL B 154 10.49 -13.79 29.25
N ASP B 155 10.28 -14.62 30.27
CA ASP B 155 9.07 -15.42 30.40
C ASP B 155 7.91 -14.72 31.09
N SER B 156 7.98 -13.40 31.18
CA SER B 156 6.91 -12.66 31.82
C SER B 156 6.03 -11.96 30.79
N ILE B 157 6.25 -12.28 29.53
CA ILE B 157 5.47 -11.66 28.46
C ILE B 157 4.33 -12.55 27.99
N VAL B 158 3.22 -11.93 27.64
CA VAL B 158 2.05 -12.64 27.17
C VAL B 158 2.38 -13.50 25.96
N LYS B 159 1.98 -14.77 26.03
CA LYS B 159 2.20 -15.70 24.94
C LYS B 159 0.87 -16.18 24.42
N LEU B 160 0.73 -16.28 23.11
CA LEU B 160 -0.50 -16.76 22.50
C LEU B 160 -0.43 -18.28 22.42
N ASN B 161 -1.59 -18.92 22.39
CA ASN B 161 -1.63 -20.37 22.20
C ASN B 161 -1.84 -20.73 20.74
N VAL B 162 -0.75 -21.21 20.09
CA VAL B 162 -0.82 -21.45 18.66
C VAL B 162 -0.58 -22.91 18.28
N GLU B 163 -0.20 -23.71 19.29
CA GLU B 163 0.11 -25.11 19.00
C GLU B 163 -1.15 -26.00 18.99
N PRO B 164 -1.14 -26.96 18.05
CA PRO B 164 -2.28 -27.82 17.77
C PRO B 164 -2.29 -29.06 18.68
N ARG B 165 -3.51 -29.56 18.96
CA ARG B 165 -3.59 -30.82 19.67
C ARG B 165 -3.98 -31.96 18.73
N LYS B 166 -3.75 -33.19 19.17
CA LYS B 166 -4.06 -34.36 18.34
C LYS B 166 -4.82 -35.44 19.11
N GLU B 167 -6.01 -35.76 18.63
CA GLU B 167 -6.85 -36.78 19.25
C GLU B 167 -6.64 -38.12 18.52
N GLY B 168 -5.63 -38.85 18.95
CA GLY B 168 -5.32 -40.13 18.35
C GLY B 168 -4.54 -40.02 17.06
N ASP B 169 -5.26 -40.04 15.94
CA ASP B 169 -4.64 -39.94 14.62
C ASP B 169 -5.21 -38.74 13.89
N VAL B 170 -6.20 -38.10 14.50
CA VAL B 170 -6.82 -36.92 13.90
C VAL B 170 -6.20 -35.65 14.45
N TRP B 171 -5.90 -34.71 13.56
CA TRP B 171 -5.32 -33.43 13.96
C TRP B 171 -6.43 -32.43 14.09
N ILE B 172 -6.38 -31.64 15.15
CA ILE B 172 -7.38 -30.59 15.36
C ILE B 172 -6.57 -29.30 15.26
N LEU B 173 -6.47 -28.80 14.03
CA LEU B 173 -5.72 -27.60 13.70
C LEU B 173 -6.61 -26.36 13.63
N LYS B 174 -5.98 -25.19 13.61
CA LYS B 174 -6.72 -23.93 13.51
C LYS B 174 -6.14 -23.09 12.37
N VAL B 175 -6.98 -22.23 11.81
CA VAL B 175 -6.59 -21.34 10.72
C VAL B 175 -5.86 -20.13 11.29
N ILE B 176 -4.54 -20.10 11.14
CA ILE B 176 -3.75 -18.99 11.64
C ILE B 176 -3.61 -17.85 10.64
N TYR B 177 -3.99 -18.08 9.39
CA TYR B 177 -3.90 -17.05 8.37
C TYR B 177 -4.62 -17.34 7.05
N ILE B 178 -5.07 -16.27 6.40
CA ILE B 178 -5.76 -16.36 5.11
C ILE B 178 -5.26 -15.21 4.22
N ASP B 179 -4.57 -15.52 3.13
CA ASP B 179 -4.08 -14.44 2.26
C ASP B 179 -5.13 -13.92 1.30
N ASP B 180 -4.77 -12.90 0.50
CA ASP B 180 -5.68 -12.29 -0.45
C ASP B 180 -6.12 -13.23 -1.56
N PHE B 181 -5.46 -14.37 -1.69
CA PHE B 181 -5.81 -15.34 -2.70
C PHE B 181 -6.85 -16.29 -2.14
N GLY B 182 -7.00 -16.27 -0.81
CA GLY B 182 -7.95 -17.15 -0.17
C GLY B 182 -7.26 -18.42 0.30
N ASN B 183 -5.94 -18.49 0.12
CA ASN B 183 -5.20 -19.66 0.56
C ASN B 183 -5.31 -19.70 2.08
N VAL B 184 -5.63 -20.88 2.62
CA VAL B 184 -5.79 -21.08 4.05
C VAL B 184 -4.54 -21.70 4.65
N ILE B 185 -4.02 -21.10 5.72
CA ILE B 185 -2.84 -21.64 6.39
C ILE B 185 -3.25 -22.23 7.74
N LEU B 186 -2.77 -23.43 8.03
CA LEU B 186 -3.10 -24.14 9.26
C LEU B 186 -1.89 -24.32 10.15
N ASN B 187 -2.09 -24.20 11.46
CA ASN B 187 -1.01 -24.23 12.44
C ASN B 187 -0.44 -25.64 12.63
N LEU B 188 0.04 -26.22 11.51
CA LEU B 188 0.70 -27.53 11.59
C LEU B 188 2.04 -27.53 10.85
N GLU B 189 3.12 -27.79 11.61
CA GLU B 189 4.46 -27.73 11.04
C GLU B 189 5.31 -28.92 11.48
N ASN B 190 6.41 -29.13 10.77
CA ASN B 190 7.35 -30.22 11.07
C ASN B 190 6.76 -31.63 10.96
N TYR B 191 5.59 -31.74 10.33
CA TYR B 191 4.91 -33.01 10.16
C TYR B 191 5.59 -33.82 9.04
N GLU B 192 5.21 -35.09 8.89
CA GLU B 192 5.76 -35.93 7.85
C GLU B 192 4.95 -35.77 6.58
N LYS B 193 5.64 -35.60 5.45
CA LYS B 193 4.99 -35.40 4.16
C LYS B 193 3.91 -36.42 3.86
N PRO B 194 2.63 -36.00 3.90
CA PRO B 194 1.54 -36.93 3.62
C PRO B 194 1.37 -37.12 2.11
N ARG B 195 0.54 -38.08 1.73
CA ARG B 195 0.29 -38.35 0.33
C ARG B 195 -1.07 -37.73 0.06
N THR B 196 -1.90 -37.76 1.10
CA THR B 196 -3.24 -37.21 1.03
C THR B 196 -3.54 -36.48 2.33
N VAL B 197 -4.53 -35.61 2.31
CA VAL B 197 -4.92 -34.85 3.50
C VAL B 197 -6.43 -34.77 3.50
N GLU B 198 -7.08 -35.27 4.55
CA GLU B 198 -8.53 -35.23 4.61
C GLU B 198 -9.09 -34.24 5.61
N LEU B 199 -9.96 -33.37 5.12
CA LEU B 199 -10.61 -32.37 5.94
C LEU B 199 -11.92 -32.99 6.41
N LEU B 200 -11.81 -33.82 7.44
CA LEU B 200 -12.94 -34.53 8.02
C LEU B 200 -14.20 -33.70 8.22
N ASP B 201 -14.04 -32.39 8.40
CA ASP B 201 -15.19 -31.50 8.60
C ASP B 201 -15.97 -31.27 7.30
N PHE B 202 -15.38 -31.73 6.18
CA PHE B 202 -16.00 -31.54 4.87
C PHE B 202 -16.04 -32.83 4.04
N ASN B 203 -15.51 -33.91 4.61
CA ASN B 203 -15.46 -35.21 3.95
C ASN B 203 -14.74 -35.15 2.61
N LEU B 204 -13.69 -34.32 2.58
CA LEU B 204 -12.86 -34.12 1.40
C LEU B 204 -11.46 -34.72 1.56
N ARG B 205 -11.07 -35.53 0.56
CA ARG B 205 -9.69 -35.99 0.46
C ARG B 205 -8.90 -35.11 -0.50
N LEU B 206 -7.74 -34.63 -0.03
CA LEU B 206 -6.98 -33.71 -0.86
C LEU B 206 -5.62 -34.28 -1.26
N PRO B 207 -5.22 -33.99 -2.50
CA PRO B 207 -3.91 -34.41 -2.96
C PRO B 207 -2.93 -33.48 -2.26
N TYR B 208 -1.75 -33.97 -1.93
CA TYR B 208 -0.76 -33.12 -1.29
C TYR B 208 0.34 -32.94 -2.31
N LEU B 209 0.28 -31.84 -3.05
CA LEU B 209 1.26 -31.58 -4.10
C LEU B 209 2.09 -30.31 -3.90
N GLU B 210 3.21 -30.23 -4.61
CA GLU B 210 4.12 -29.09 -4.53
C GLU B 210 3.57 -27.69 -4.85
N THR B 211 2.62 -27.59 -5.79
CA THR B 211 2.11 -26.27 -6.13
C THR B 211 0.73 -26.25 -6.77
N TYR B 212 0.13 -25.06 -6.78
CA TYR B 212 -1.19 -24.81 -7.34
C TYR B 212 -1.45 -25.42 -8.72
N GLY B 213 -0.51 -25.22 -9.63
CA GLY B 213 -0.67 -25.73 -10.99
C GLY B 213 -0.74 -27.23 -11.19
N LEU B 214 -0.44 -28.01 -10.15
CA LEU B 214 -0.47 -29.46 -10.29
C LEU B 214 -1.87 -30.05 -10.32
N VAL B 215 -2.88 -29.25 -10.00
CA VAL B 215 -4.26 -29.72 -10.07
C VAL B 215 -4.91 -28.74 -11.03
N GLU B 216 -6.06 -29.11 -11.60
CA GLU B 216 -6.74 -28.24 -12.54
C GLU B 216 -7.37 -27.02 -11.90
N LYS B 217 -7.62 -26.01 -12.74
CA LYS B 217 -8.23 -24.77 -12.27
C LYS B 217 -9.54 -25.06 -11.53
N GLY B 218 -9.72 -24.43 -10.39
CA GLY B 218 -10.93 -24.63 -9.62
C GLY B 218 -10.87 -25.78 -8.62
N GLU B 219 -9.86 -26.64 -8.74
CA GLU B 219 -9.73 -27.77 -7.82
C GLU B 219 -8.96 -27.44 -6.55
N LEU B 221 -6.47 -28.38 -3.19
CA LEU B 221 -5.31 -29.19 -2.86
C LEU B 221 -4.66 -28.76 -1.57
N ALA B 222 -3.71 -29.57 -1.12
CA ALA B 222 -2.96 -29.29 0.09
C ALA B 222 -1.51 -29.25 -0.35
N LEU B 223 -0.73 -28.35 0.24
CA LEU B 223 0.67 -28.22 -0.13
C LEU B 223 1.51 -27.83 1.07
N PRO B 224 2.83 -28.05 0.98
CA PRO B 224 3.69 -27.69 2.10
C PRO B 224 3.80 -26.17 2.24
N GLY B 225 3.12 -25.44 1.36
CA GLY B 225 3.14 -23.99 1.41
C GLY B 225 4.54 -23.39 1.31
N SER B 226 4.62 -22.07 1.47
CA SER B 226 5.94 -21.43 1.40
C SER B 226 6.36 -20.85 2.76
N HIS B 227 5.55 -21.17 3.79
CA HIS B 227 5.86 -20.66 5.12
C HIS B 227 6.00 -21.80 6.16
N ASP B 228 6.25 -23.01 5.63
CA ASP B 228 6.55 -24.15 6.50
C ASP B 228 5.33 -24.66 7.28
N TYR B 229 4.14 -24.21 6.92
CA TYR B 229 2.92 -24.67 7.56
C TYR B 229 2.14 -25.48 6.52
N LEU B 230 1.04 -26.07 6.92
CA LEU B 230 0.20 -26.82 5.99
C LEU B 230 -0.72 -25.81 5.33
N GLU B 231 -0.76 -25.81 4.00
CA GLU B 231 -1.62 -24.87 3.28
C GLU B 231 -2.75 -25.59 2.53
N ILE B 232 -3.91 -24.95 2.48
CA ILE B 232 -5.05 -25.51 1.76
C ILE B 232 -5.43 -24.48 0.71
N ALA B 233 -5.36 -24.84 -0.57
CA ALA B 233 -5.68 -23.89 -1.62
C ALA B 233 -6.49 -24.43 -2.79
N VAL B 234 -7.12 -23.50 -3.50
CA VAL B 234 -7.90 -23.81 -4.68
C VAL B 234 -7.11 -23.17 -5.81
N ASN B 235 -6.64 -23.98 -6.75
CA ASN B 235 -5.86 -23.46 -7.86
C ASN B 235 -6.62 -22.36 -8.58
N GLY B 237 -8.33 -20.10 -7.34
CA GLY B 237 -9.58 -19.81 -6.68
C GLY B 237 -9.32 -19.57 -5.20
N SER B 238 -10.39 -19.35 -4.44
CA SER B 238 -10.28 -19.09 -3.01
C SER B 238 -10.66 -20.29 -2.16
N ALA B 239 -9.67 -20.89 -1.52
CA ALA B 239 -9.92 -22.05 -0.67
C ALA B 239 -10.70 -21.62 0.57
N ALA B 240 -10.54 -20.36 0.97
CA ALA B 240 -11.24 -19.85 2.14
C ALA B 240 -12.73 -19.74 1.86
N GLU B 241 -13.09 -19.27 0.68
CA GLU B 241 -14.51 -19.12 0.35
C GLU B 241 -15.23 -20.45 0.09
N ARG B 242 -14.46 -21.50 -0.19
CA ARG B 242 -15.05 -22.82 -0.41
C ARG B 242 -15.42 -23.37 0.96
N LEU B 243 -14.39 -23.73 1.73
CA LEU B 243 -14.56 -24.28 3.06
C LEU B 243 -15.25 -23.27 3.97
N ASN B 244 -15.38 -22.04 3.47
CA ASN B 244 -16.00 -20.97 4.22
C ASN B 244 -15.52 -20.97 5.67
N VAL B 245 -14.23 -20.72 5.85
CA VAL B 245 -13.60 -20.66 7.15
C VAL B 245 -12.97 -19.28 7.37
N LYS B 246 -12.54 -19.03 8.60
CA LYS B 246 -12.01 -17.77 9.09
C LYS B 246 -10.72 -18.02 9.87
N VAL B 247 -9.97 -16.98 10.19
CA VAL B 247 -8.82 -17.14 11.07
C VAL B 247 -9.34 -17.47 12.46
N GLY B 248 -8.73 -18.47 13.09
CA GLY B 248 -9.17 -18.85 14.42
C GLY B 248 -10.00 -20.13 14.46
N ASP B 249 -10.69 -20.44 13.36
CA ASP B 249 -11.51 -21.64 13.28
C ASP B 249 -10.67 -22.91 13.37
N GLU B 250 -11.29 -23.99 13.84
CA GLU B 250 -10.60 -25.26 13.97
C GLU B 250 -11.11 -26.27 12.94
N LEU B 251 -10.22 -27.13 12.48
CA LEU B 251 -10.57 -28.14 11.49
C LEU B 251 -9.95 -29.47 11.89
N ARG B 252 -10.72 -30.54 11.74
CA ARG B 252 -10.20 -31.87 12.05
C ARG B 252 -9.58 -32.36 10.75
N VAL B 253 -8.28 -32.60 10.78
CA VAL B 253 -7.55 -33.03 9.61
C VAL B 253 -6.76 -34.30 9.87
N ARG B 254 -6.86 -35.25 8.96
CA ARG B 254 -6.14 -36.51 9.10
C ARG B 254 -5.13 -36.59 7.97
N LEU B 255 -3.87 -36.80 8.33
CA LEU B 255 -2.82 -36.91 7.32
C LEU B 255 -2.53 -38.36 6.96
N LEU B 256 -2.81 -38.69 5.70
CA LEU B 256 -2.59 -40.03 5.16
C LEU B 256 -1.34 -40.03 4.29
N ILE C 2 10.46 13.84 1.10
CA ILE C 2 9.20 14.19 0.42
C ILE C 2 8.06 13.23 0.77
N THR C 3 6.91 13.77 1.16
CA THR C 3 5.75 12.94 1.48
C THR C 3 4.80 12.93 0.28
N LEU C 4 3.99 11.87 0.17
CA LEU C 4 3.02 11.74 -0.92
C LEU C 4 1.62 11.41 -0.42
N THR C 5 0.64 12.17 -0.91
CA THR C 5 -0.77 11.95 -0.56
C THR C 5 -1.60 12.13 -1.82
N THR C 6 -2.26 11.07 -2.27
CA THR C 6 -3.08 11.14 -3.48
C THR C 6 -4.35 10.30 -3.33
N ASP C 7 -5.20 10.39 -4.36
CA ASP C 7 -6.44 9.64 -4.42
C ASP C 7 -6.33 8.71 -5.63
N PHE C 8 -5.11 8.40 -6.04
CA PHE C 8 -4.88 7.55 -7.21
C PHE C 8 -5.38 6.12 -7.10
N GLY C 9 -5.38 5.58 -5.88
CA GLY C 9 -5.79 4.20 -5.69
C GLY C 9 -4.52 3.37 -5.74
N LEU C 10 -4.58 2.14 -5.26
CA LEU C 10 -3.39 1.30 -5.24
C LEU C 10 -3.36 0.24 -6.34
N LYS C 11 -4.48 0.07 -7.04
CA LYS C 11 -4.56 -0.94 -8.09
C LYS C 11 -4.31 -0.28 -9.43
N GLY C 12 -3.06 0.06 -9.69
CA GLY C 12 -2.75 0.71 -10.95
C GLY C 12 -1.29 1.11 -11.03
N PRO C 13 -0.88 1.78 -12.12
CA PRO C 13 0.51 2.21 -12.28
C PRO C 13 0.76 3.67 -11.91
N TYR C 14 -0.32 4.40 -11.60
CA TYR C 14 -0.22 5.82 -11.28
C TYR C 14 0.82 6.21 -10.24
N VAL C 15 0.81 5.58 -9.07
CA VAL C 15 1.79 5.92 -8.04
C VAL C 15 3.22 5.57 -8.47
N GLY C 16 3.36 4.46 -9.19
CA GLY C 16 4.68 4.05 -9.65
C GLY C 16 5.26 5.05 -10.62
N GLU C 17 4.45 5.52 -11.56
CA GLU C 17 4.91 6.49 -12.54
C GLU C 17 5.37 7.80 -11.90
N LYS C 19 6.45 8.31 -8.92
CA LYS C 19 7.68 8.08 -8.20
C LYS C 19 8.89 7.95 -9.11
N VAL C 20 8.82 7.12 -10.14
CA VAL C 20 10.00 6.97 -10.99
C VAL C 20 10.28 8.27 -11.72
N ALA C 21 9.24 9.07 -11.94
CA ALA C 21 9.40 10.36 -12.60
C ALA C 21 10.15 11.28 -11.64
N LEU C 23 12.16 10.36 -9.09
CA LEU C 23 13.52 9.87 -8.94
C LEU C 23 14.34 10.15 -10.19
N ARG C 24 13.65 10.44 -11.27
CA ARG C 24 14.35 10.73 -12.51
C ARG C 24 14.89 12.18 -12.42
N ILE C 25 14.14 13.05 -11.76
CA ILE C 25 14.53 14.44 -11.57
C ILE C 25 15.58 14.52 -10.46
N ASN C 26 15.28 13.86 -9.35
CA ASN C 26 16.16 13.82 -8.18
C ASN C 26 16.26 12.36 -7.73
N PRO C 27 17.17 11.60 -8.36
CA PRO C 27 17.38 10.19 -8.06
C PRO C 27 17.68 9.79 -6.63
N ASN C 28 18.11 10.72 -5.79
CA ASN C 28 18.36 10.29 -4.43
C ASN C 28 17.43 10.95 -3.42
N ALA C 29 16.21 11.25 -3.87
CA ALA C 29 15.18 11.83 -3.00
C ALA C 29 14.57 10.72 -2.14
N LYS C 30 14.32 11.01 -0.87
CA LYS C 30 13.72 10.03 0.03
C LYS C 30 12.21 10.30 0.03
N ILE C 31 11.47 9.40 -0.62
CA ILE C 31 10.02 9.52 -0.76
C ILE C 31 9.27 8.64 0.24
N VAL C 32 8.36 9.26 0.97
CA VAL C 32 7.56 8.56 1.96
C VAL C 32 6.09 8.65 1.60
N ASP C 33 5.46 7.49 1.46
CA ASP C 33 4.04 7.40 1.13
C ASP C 33 3.19 7.65 2.36
N VAL C 34 2.22 8.54 2.24
CA VAL C 34 1.31 8.78 3.35
C VAL C 34 0.12 7.89 3.04
N THR C 35 -0.49 8.15 1.89
CA THR C 35 -1.63 7.37 1.44
C THR C 35 -1.99 7.71 0.01
N HIS C 36 -2.60 6.75 -0.67
CA HIS C 36 -3.03 6.93 -2.05
C HIS C 36 -4.45 6.39 -2.17
N SER C 37 -5.07 6.21 -1.00
CA SER C 37 -6.43 5.68 -0.91
C SER C 37 -7.48 6.70 -0.53
N VAL C 38 -7.13 7.98 -0.57
CA VAL C 38 -8.08 9.03 -0.25
C VAL C 38 -9.28 8.82 -1.18
N THR C 39 -10.48 9.00 -0.65
CA THR C 39 -11.66 8.84 -1.47
C THR C 39 -11.52 9.73 -2.70
N ARG C 40 -11.75 9.14 -3.87
CA ARG C 40 -11.64 9.87 -5.13
C ARG C 40 -12.17 11.30 -5.07
N HIS C 41 -11.32 12.24 -5.51
CA HIS C 41 -11.66 13.66 -5.56
C HIS C 41 -12.01 14.32 -4.22
N SER C 42 -11.86 13.60 -3.11
CA SER C 42 -12.20 14.19 -1.81
C SER C 42 -11.11 15.12 -1.28
N ILE C 43 -11.20 16.39 -1.66
CA ILE C 43 -10.21 17.38 -1.25
C ILE C 43 -10.15 17.59 0.25
N LEU C 44 -11.29 17.50 0.92
CA LEU C 44 -11.33 17.69 2.37
C LEU C 44 -10.58 16.58 3.08
N GLU C 45 -10.85 15.34 2.66
CA GLU C 45 -10.20 14.18 3.25
C GLU C 45 -8.69 14.25 3.04
N GLY C 46 -8.28 14.61 1.83
CA GLY C 46 -6.87 14.73 1.55
C GLY C 46 -6.24 15.76 2.45
N SER C 47 -6.92 16.90 2.62
CA SER C 47 -6.45 18.01 3.45
C SER C 47 -6.24 17.58 4.92
N PHE C 48 -7.12 16.74 5.44
CA PHE C 48 -6.98 16.28 6.81
C PHE C 48 -5.74 15.39 6.95
N VAL C 49 -5.60 14.47 6.01
CA VAL C 49 -4.47 13.55 6.00
C VAL C 49 -3.16 14.33 6.04
N GLU C 51 -2.65 17.46 6.95
CA GLU C 51 -2.49 18.23 8.18
C GLU C 51 -1.78 17.40 9.24
N GLN C 52 -2.28 16.19 9.48
CA GLN C 52 -1.72 15.29 10.47
C GLN C 52 -0.26 14.97 10.24
N VAL C 53 0.10 14.67 8.99
CA VAL C 53 1.48 14.34 8.66
C VAL C 53 2.37 15.58 8.82
N VAL C 54 1.88 16.74 8.38
CA VAL C 54 2.67 17.95 8.50
C VAL C 54 3.02 18.27 9.96
N LYS C 55 2.07 18.05 10.86
CA LYS C 55 2.30 18.33 12.28
C LYS C 55 3.48 17.59 12.90
N TYR C 56 3.81 16.41 12.36
CA TYR C 56 4.90 15.61 12.90
C TYR C 56 6.14 15.52 12.03
N SER C 57 6.09 16.08 10.83
CA SER C 57 7.22 16.02 9.94
C SER C 57 8.28 17.03 10.35
N PRO C 58 9.56 16.71 10.13
CA PRO C 58 10.60 17.68 10.52
C PRO C 58 10.54 18.90 9.62
N LYS C 59 11.06 20.02 10.11
CA LYS C 59 11.08 21.24 9.33
C LYS C 59 11.92 21.00 8.10
N GLY C 60 11.52 21.58 6.97
CA GLY C 60 12.26 21.39 5.75
C GLY C 60 11.60 20.36 4.83
N THR C 61 10.71 19.55 5.41
CA THR C 61 10.00 18.51 4.67
C THR C 61 9.15 19.07 3.52
N VAL C 62 9.16 18.36 2.40
CA VAL C 62 8.37 18.72 1.22
C VAL C 62 7.18 17.77 1.15
N HIS C 63 5.97 18.31 1.01
CA HIS C 63 4.77 17.49 0.95
C HIS C 63 4.04 17.64 -0.37
N VAL C 64 3.99 16.55 -1.13
CA VAL C 64 3.29 16.59 -2.41
C VAL C 64 1.92 15.98 -2.20
N GLY C 65 0.89 16.73 -2.54
CA GLY C 65 -0.45 16.23 -2.38
C GLY C 65 -1.19 16.33 -3.70
N VAL C 66 -1.80 15.23 -4.14
CA VAL C 66 -2.54 15.26 -5.38
C VAL C 66 -3.93 14.60 -5.37
N ILE C 67 -4.95 15.41 -5.08
CA ILE C 67 -6.35 14.98 -5.15
C ILE C 67 -6.78 16.06 -6.15
N ASP C 68 -6.77 15.69 -7.43
CA ASP C 68 -7.01 16.66 -8.49
C ASP C 68 -8.15 16.39 -9.47
N PRO C 69 -9.40 16.67 -9.06
CA PRO C 69 -10.53 16.42 -9.96
C PRO C 69 -10.52 17.38 -11.18
N GLY C 70 -9.90 18.55 -11.01
CA GLY C 70 -9.84 19.51 -12.09
C GLY C 70 -8.54 19.54 -12.87
N VAL C 71 -7.80 18.45 -12.84
CA VAL C 71 -6.54 18.36 -13.55
C VAL C 71 -6.76 18.73 -15.02
N GLY C 72 -5.89 19.59 -15.55
CA GLY C 72 -6.02 19.98 -16.94
C GLY C 72 -6.93 21.16 -17.19
N THR C 73 -7.61 21.64 -16.15
CA THR C 73 -8.49 22.79 -16.30
C THR C 73 -7.71 24.05 -15.95
N GLU C 74 -8.41 25.16 -15.71
CA GLU C 74 -7.75 26.42 -15.40
C GLU C 74 -7.25 26.55 -13.96
N ARG C 75 -7.56 25.55 -13.13
CA ARG C 75 -7.12 25.58 -11.73
C ARG C 75 -5.59 25.67 -11.68
N ARG C 76 -5.06 26.49 -10.76
CA ARG C 76 -3.62 26.64 -10.66
C ARG C 76 -2.94 25.50 -9.93
N ALA C 77 -1.64 25.34 -10.19
CA ALA C 77 -0.80 24.35 -9.52
C ALA C 77 0.14 25.24 -8.71
N ILE C 78 0.12 25.11 -7.40
CA ILE C 78 0.93 25.97 -6.57
C ILE C 78 1.98 25.31 -5.68
N VAL C 79 2.88 26.13 -5.17
CA VAL C 79 3.92 25.71 -4.26
C VAL C 79 3.86 26.69 -3.08
N ILE C 80 3.67 26.16 -1.89
CA ILE C 80 3.61 26.99 -0.70
C ILE C 80 4.93 26.81 0.03
N GLU C 81 5.75 27.87 0.02
CA GLU C 81 7.04 27.83 0.68
C GLU C 81 6.93 28.35 2.11
N GLY C 82 7.41 27.55 3.07
CA GLY C 82 7.36 27.94 4.46
C GLY C 82 8.42 27.13 5.19
N ASP C 83 8.25 26.91 6.50
CA ASP C 83 9.22 26.12 7.23
C ASP C 83 9.07 24.65 6.83
N GLN C 84 8.09 24.42 5.95
CA GLN C 84 7.80 23.11 5.37
C GLN C 84 7.19 23.50 4.03
N TYR C 85 7.22 22.60 3.05
CA TYR C 85 6.66 22.90 1.75
C TYR C 85 5.41 22.13 1.42
N LEU C 86 4.58 22.71 0.57
CA LEU C 86 3.37 22.05 0.11
C LEU C 86 3.34 22.24 -1.41
N VAL C 87 3.19 21.15 -2.14
CA VAL C 87 3.11 21.21 -3.60
C VAL C 87 1.77 20.59 -3.89
N VAL C 88 0.81 21.43 -4.25
CA VAL C 88 -0.56 20.97 -4.45
C VAL C 88 -1.35 21.76 -5.47
N PRO C 89 -2.50 21.23 -5.89
CA PRO C 89 -3.32 21.96 -6.86
C PRO C 89 -4.05 23.04 -6.03
N ASP C 90 -4.26 24.20 -6.62
CA ASP C 90 -4.94 25.29 -5.93
C ASP C 90 -6.45 25.02 -5.90
N ASN C 91 -6.88 24.11 -5.02
CA ASN C 91 -8.28 23.76 -4.91
C ASN C 91 -8.72 23.62 -3.45
N GLY C 92 -7.91 24.16 -2.53
CA GLY C 92 -8.25 24.12 -1.13
C GLY C 92 -7.61 22.98 -0.36
N LEU C 93 -6.91 22.12 -1.07
CA LEU C 93 -6.25 20.98 -0.45
C LEU C 93 -5.26 21.38 0.63
N ALA C 94 -4.71 22.58 0.54
CA ALA C 94 -3.73 23.05 1.52
C ALA C 94 -4.33 23.69 2.77
N THR C 95 -5.65 23.86 2.79
CA THR C 95 -6.33 24.48 3.91
C THR C 95 -5.89 24.04 5.31
N LEU C 96 -6.09 22.77 5.64
CA LEU C 96 -5.70 22.28 6.96
C LEU C 96 -4.20 22.28 7.24
N PRO C 97 -3.38 21.83 6.29
CA PRO C 97 -1.92 21.82 6.49
C PRO C 97 -1.38 23.21 6.83
N LEU C 98 -1.94 24.23 6.18
CA LEU C 98 -1.49 25.60 6.40
C LEU C 98 -1.56 26.00 7.88
N LYS C 99 -2.47 25.36 8.62
CA LYS C 99 -2.63 25.65 10.03
C LYS C 99 -1.36 25.36 10.85
N HIS C 100 -0.39 24.69 10.25
CA HIS C 100 0.81 24.34 10.99
C HIS C 100 2.09 24.70 10.25
N ILE C 101 1.98 25.63 9.32
CA ILE C 101 3.12 26.06 8.54
C ILE C 101 3.21 27.57 8.51
N LYS C 102 4.38 28.11 8.83
CA LYS C 102 4.39 29.52 8.68
C LYS C 102 4.92 29.82 7.31
N VAL C 103 3.93 30.26 6.54
CA VAL C 103 4.14 30.53 5.13
C VAL C 103 5.05 31.71 4.89
N LYS C 104 6.00 31.55 3.97
CA LYS C 104 6.93 32.60 3.61
C LYS C 104 6.52 33.16 2.24
N SER C 105 6.27 32.27 1.29
CA SER C 105 5.88 32.67 -0.06
C SER C 105 4.99 31.63 -0.70
N VAL C 106 4.27 32.05 -1.73
CA VAL C 106 3.40 31.15 -2.47
C VAL C 106 3.73 31.39 -3.94
N TYR C 107 3.79 30.30 -4.70
CA TYR C 107 4.12 30.40 -6.12
C TYR C 107 3.14 29.64 -6.98
N GLU C 108 3.05 30.05 -8.23
CA GLU C 108 2.20 29.37 -9.19
C GLU C 108 3.17 28.72 -10.15
N ILE C 109 3.07 27.40 -10.27
CA ILE C 109 3.95 26.63 -11.13
C ILE C 109 3.65 26.93 -12.60
N ILE C 110 4.70 27.29 -13.34
CA ILE C 110 4.56 27.59 -14.75
C ILE C 110 4.94 26.32 -15.51
N PRO C 111 3.95 25.67 -16.15
CA PRO C 111 4.16 24.44 -16.90
C PRO C 111 5.39 24.44 -17.79
N ASP C 112 5.54 25.48 -18.61
CA ASP C 112 6.67 25.54 -19.51
C ASP C 112 8.03 25.56 -18.84
N LYS C 113 8.10 26.12 -17.64
CA LYS C 113 9.36 26.15 -16.90
C LYS C 113 9.64 24.78 -16.30
N ILE C 114 8.59 24.07 -15.92
CA ILE C 114 8.73 22.74 -15.35
C ILE C 114 9.19 21.77 -16.43
N ARG C 115 8.65 21.92 -17.65
CA ARG C 115 9.01 21.04 -18.75
C ARG C 115 10.48 21.17 -19.11
N LYS C 116 11.07 22.31 -18.77
CA LYS C 116 12.48 22.53 -19.05
C LYS C 116 13.30 21.61 -18.15
N PHE C 117 12.76 21.32 -16.96
CA PHE C 117 13.43 20.45 -16.00
C PHE C 117 13.17 18.96 -16.22
N THR C 118 11.93 18.61 -16.57
CA THR C 118 11.60 17.20 -16.76
C THR C 118 12.09 16.64 -18.08
N GLY C 119 11.76 17.35 -19.16
CA GLY C 119 12.18 16.88 -20.47
C GLY C 119 11.10 16.12 -21.21
N TRP C 120 9.96 15.86 -20.57
CA TRP C 120 8.87 15.15 -21.25
C TRP C 120 7.61 16.02 -21.30
N GLU C 121 6.75 15.71 -22.26
CA GLU C 121 5.51 16.46 -22.47
C GLU C 121 4.57 16.35 -21.25
N ILE C 122 3.83 17.42 -21.00
CA ILE C 122 2.87 17.45 -19.90
C ILE C 122 1.49 17.01 -20.38
N SER C 123 0.95 15.98 -19.75
CA SER C 123 -0.37 15.46 -20.10
C SER C 123 -1.45 16.42 -19.62
N SER C 124 -2.70 16.10 -19.91
CA SER C 124 -3.82 16.92 -19.47
C SER C 124 -4.52 16.26 -18.29
N THR C 125 -4.33 14.94 -18.14
CA THR C 125 -5.01 14.23 -17.07
C THR C 125 -4.13 13.67 -15.95
N PHE C 126 -2.82 13.88 -16.02
CA PHE C 126 -1.94 13.33 -14.99
C PHE C 126 -0.83 14.31 -14.59
N HIS C 127 -1.22 15.41 -13.96
CA HIS C 127 -0.26 16.41 -13.53
C HIS C 127 0.56 15.97 -12.33
N GLY C 128 0.06 15.00 -11.59
CA GLY C 128 0.82 14.52 -10.45
C GLY C 128 2.18 13.99 -10.92
N ARG C 129 2.17 13.35 -12.09
CA ARG C 129 3.37 12.77 -12.68
C ARG C 129 4.19 13.78 -13.47
N ASP C 130 3.53 14.75 -14.10
CA ASP C 130 4.22 15.71 -14.94
C ASP C 130 4.46 17.11 -14.40
N ILE C 131 3.85 17.43 -13.26
CA ILE C 131 4.03 18.75 -12.69
C ILE C 131 4.34 18.71 -11.20
N PHE C 132 3.40 18.19 -10.41
CA PHE C 132 3.56 18.13 -8.97
C PHE C 132 4.74 17.29 -8.49
N GLY C 133 4.81 16.05 -8.97
CA GLY C 133 5.92 15.18 -8.60
C GLY C 133 7.24 15.87 -8.88
N PRO C 134 7.45 16.30 -10.12
CA PRO C 134 8.69 17.00 -10.52
C PRO C 134 8.98 18.20 -9.60
N ALA C 135 7.94 19.02 -9.37
CA ALA C 135 8.09 20.20 -8.52
C ALA C 135 8.63 19.83 -7.14
N GLY C 136 8.03 18.81 -6.52
CA GLY C 136 8.48 18.40 -5.21
C GLY C 136 9.93 17.95 -5.26
N ALA C 137 10.25 17.15 -6.26
CA ALA C 137 11.59 16.63 -6.43
C ALA C 137 12.61 17.75 -6.60
N LEU C 138 12.26 18.78 -7.38
CA LEU C 138 13.17 19.90 -7.60
C LEU C 138 13.45 20.64 -6.29
N ILE C 139 12.40 20.95 -5.55
CA ILE C 139 12.55 21.65 -4.29
C ILE C 139 13.40 20.84 -3.31
N GLU C 140 13.22 19.52 -3.34
CA GLU C 140 13.94 18.61 -2.46
C GLU C 140 15.46 18.62 -2.67
N LYS C 141 15.89 18.82 -3.92
CA LYS C 141 17.31 18.85 -4.20
C LYS C 141 17.89 20.27 -4.19
N GLY C 142 17.10 21.24 -3.70
CA GLY C 142 17.59 22.60 -3.60
C GLY C 142 17.19 23.65 -4.63
N ILE C 143 16.42 23.30 -5.66
CA ILE C 143 16.03 24.30 -6.64
C ILE C 143 14.96 25.23 -6.03
N HIS C 144 15.10 26.53 -6.21
CA HIS C 144 14.13 27.48 -5.69
C HIS C 144 12.85 27.47 -6.52
N PRO C 145 11.69 27.57 -5.88
CA PRO C 145 10.42 27.55 -6.61
C PRO C 145 10.35 28.61 -7.72
N GLU C 146 11.03 29.74 -7.52
CA GLU C 146 11.01 30.82 -8.52
C GLU C 146 11.51 30.37 -9.89
N GLU C 147 12.42 29.38 -9.90
CA GLU C 147 12.97 28.87 -11.15
C GLU C 147 11.89 28.30 -12.07
N PHE C 148 10.82 27.78 -11.48
CA PHE C 148 9.75 27.21 -12.30
C PHE C 148 8.38 27.75 -11.92
N GLY C 149 8.35 28.96 -11.40
CA GLY C 149 7.08 29.56 -11.04
C GLY C 149 7.19 31.03 -10.72
N ARG C 150 6.04 31.67 -10.53
CA ARG C 150 6.00 33.09 -10.20
C ARG C 150 5.23 33.27 -8.90
N GLU C 151 5.69 34.20 -8.08
CA GLU C 151 5.04 34.46 -6.80
C GLU C 151 3.61 34.99 -6.94
N ILE C 152 2.73 34.53 -6.05
CA ILE C 152 1.34 34.96 -6.03
C ILE C 152 0.94 35.20 -4.57
N PRO C 153 -0.14 35.97 -4.35
CA PRO C 153 -0.64 36.31 -3.00
C PRO C 153 -1.07 35.11 -2.16
N VAL C 154 -0.54 35.04 -0.95
CA VAL C 154 -0.87 33.95 -0.03
C VAL C 154 -2.38 33.73 0.15
N ASP C 155 -3.12 34.83 0.17
CA ASP C 155 -4.56 34.75 0.35
C ASP C 155 -5.33 34.68 -0.95
N SER C 156 -4.63 34.46 -2.06
CA SER C 156 -5.30 34.37 -3.35
C SER C 156 -5.65 32.92 -3.63
N ILE C 157 -5.22 32.01 -2.76
CA ILE C 157 -5.47 30.60 -2.94
C ILE C 157 -6.78 30.11 -2.34
N VAL C 158 -7.37 29.12 -2.98
CA VAL C 158 -8.61 28.53 -2.55
C VAL C 158 -8.50 27.99 -1.13
N LYS C 159 -9.58 28.12 -0.37
CA LYS C 159 -9.62 27.65 1.02
C LYS C 159 -10.93 26.91 1.19
N LEU C 160 -10.89 25.87 2.01
CA LEU C 160 -12.10 25.10 2.28
C LEU C 160 -12.69 25.71 3.53
N ASN C 161 -13.96 25.44 3.77
CA ASN C 161 -14.61 25.93 4.97
C ASN C 161 -14.57 24.73 5.90
N VAL C 162 -13.72 24.80 6.92
CA VAL C 162 -13.58 23.69 7.85
C VAL C 162 -13.95 24.07 9.26
N GLU C 163 -14.34 25.33 9.44
CA GLU C 163 -14.74 25.83 10.76
C GLU C 163 -16.11 25.35 11.19
N PRO C 164 -16.23 24.88 12.44
CA PRO C 164 -17.51 24.39 12.96
C PRO C 164 -18.29 25.55 13.57
N ARG C 165 -19.60 25.54 13.38
CA ARG C 165 -20.42 26.60 13.97
C ARG C 165 -21.22 26.07 15.16
N LYS C 166 -21.56 27.01 16.06
CA LYS C 166 -22.28 26.65 17.25
C LYS C 166 -23.51 27.50 17.44
N GLU C 167 -24.66 26.83 17.62
CA GLU C 167 -25.90 27.56 17.88
C GLU C 167 -26.43 27.25 19.28
N GLY C 168 -26.26 28.25 20.18
CA GLY C 168 -26.62 28.02 21.57
C GLY C 168 -25.55 27.15 22.26
N ASP C 169 -26.01 25.99 22.77
CA ASP C 169 -25.06 25.07 23.40
C ASP C 169 -24.81 23.86 22.51
N VAL C 170 -25.28 23.97 21.25
CA VAL C 170 -25.15 22.85 20.32
C VAL C 170 -24.13 23.16 19.22
N TRP C 171 -23.22 22.19 19.09
CA TRP C 171 -22.18 22.25 18.08
C TRP C 171 -22.65 21.59 16.78
N ILE C 172 -22.44 22.29 15.68
CA ILE C 172 -22.70 21.72 14.41
C ILE C 172 -21.36 21.40 13.87
N LEU C 173 -21.01 20.12 13.99
CA LEU C 173 -19.71 19.61 13.60
C LEU C 173 -19.76 18.77 12.34
N LYS C 174 -18.73 18.88 11.51
CA LYS C 174 -18.66 18.13 10.28
C LYS C 174 -17.69 16.97 10.40
N VAL C 175 -18.01 15.88 9.72
CA VAL C 175 -17.15 14.70 9.71
C VAL C 175 -16.05 14.98 8.70
N ILE C 176 -14.86 15.34 9.19
CA ILE C 176 -13.78 15.65 8.28
C ILE C 176 -12.93 14.43 7.93
N TYR C 177 -13.24 13.29 8.53
CA TYR C 177 -12.47 12.09 8.24
C TYR C 177 -12.99 10.84 8.94
N ILE C 178 -12.80 9.69 8.30
CA ILE C 178 -13.21 8.41 8.84
C ILE C 178 -12.10 7.45 8.48
N ASP C 179 -11.56 6.75 9.47
CA ASP C 179 -10.47 5.82 9.23
C ASP C 179 -10.94 4.40 8.99
N ASP C 180 -9.98 3.51 8.72
CA ASP C 180 -10.26 2.11 8.41
C ASP C 180 -10.95 1.32 9.50
N PHE C 181 -10.93 1.84 10.72
CA PHE C 181 -11.56 1.19 11.86
C PHE C 181 -13.01 1.68 11.96
N GLY C 182 -13.29 2.74 11.19
CA GLY C 182 -14.63 3.31 11.21
C GLY C 182 -14.72 4.41 12.25
N ASN C 183 -13.61 4.71 12.93
CA ASN C 183 -13.61 5.77 13.93
C ASN C 183 -13.97 7.04 13.17
N VAL C 184 -14.87 7.86 13.74
CA VAL C 184 -15.32 9.11 13.13
C VAL C 184 -14.63 10.30 13.77
N ILE C 185 -14.14 11.22 12.93
CA ILE C 185 -13.44 12.40 13.43
C ILE C 185 -14.16 13.70 13.07
N LEU C 186 -14.53 14.46 14.10
CA LEU C 186 -15.26 15.71 13.93
C LEU C 186 -14.36 16.92 13.98
N ASN C 187 -14.71 17.97 13.25
CA ASN C 187 -13.88 19.17 13.19
C ASN C 187 -13.94 20.09 14.39
N LEU C 188 -13.88 19.51 15.59
CA LEU C 188 -13.88 20.32 16.80
C LEU C 188 -12.56 20.12 17.53
N GLU C 189 -11.86 21.22 17.80
CA GLU C 189 -10.60 21.18 18.52
C GLU C 189 -10.53 22.31 19.53
N ASN C 190 -9.56 22.24 20.44
CA ASN C 190 -9.39 23.26 21.48
C ASN C 190 -10.68 23.48 22.27
N TYR C 191 -11.28 22.38 22.73
CA TYR C 191 -12.50 22.45 23.50
C TYR C 191 -12.23 21.96 24.92
N GLU C 192 -13.09 22.36 25.85
CA GLU C 192 -12.81 21.90 27.20
C GLU C 192 -13.33 20.48 27.41
N LYS C 193 -12.44 19.71 28.01
CA LYS C 193 -12.68 18.28 28.23
C LYS C 193 -14.07 18.02 28.82
N PRO C 194 -14.97 17.41 28.03
CA PRO C 194 -16.31 17.11 28.52
C PRO C 194 -16.35 15.80 29.29
N ARG C 195 -17.47 15.53 29.93
CA ARG C 195 -17.64 14.30 30.71
C ARG C 195 -18.45 13.34 29.85
N THR C 196 -19.32 13.93 29.04
CA THR C 196 -20.20 13.18 28.16
C THR C 196 -20.43 13.96 26.85
N VAL C 197 -20.50 13.24 25.75
CA VAL C 197 -20.75 13.87 24.46
C VAL C 197 -22.08 13.31 23.95
N GLU C 198 -22.99 14.22 23.65
CA GLU C 198 -24.32 13.84 23.18
C GLU C 198 -24.48 14.12 21.68
N LEU C 199 -24.81 13.07 20.93
CA LEU C 199 -25.04 13.20 19.49
C LEU C 199 -26.56 13.30 19.32
N LEU C 200 -27.06 14.53 19.30
CA LEU C 200 -28.49 14.81 19.20
C LEU C 200 -29.27 14.11 18.08
N ASP C 201 -28.67 14.02 16.89
CA ASP C 201 -29.32 13.39 15.74
C ASP C 201 -29.61 11.91 15.97
N PHE C 202 -28.96 11.33 16.98
CA PHE C 202 -29.07 9.89 17.28
C PHE C 202 -29.64 9.63 18.68
N ASN C 203 -29.86 10.73 19.43
CA ASN C 203 -30.22 10.57 20.84
C ASN C 203 -29.23 9.64 21.55
N LEU C 204 -27.94 9.83 21.25
CA LEU C 204 -26.90 9.03 21.90
C LEU C 204 -26.15 9.86 22.95
N ARG C 205 -25.98 9.34 24.15
CA ARG C 205 -25.19 10.01 25.17
C ARG C 205 -23.94 9.15 25.30
N LEU C 206 -22.80 9.69 24.91
CA LEU C 206 -21.55 8.94 24.96
C LEU C 206 -20.59 9.41 26.02
N PRO C 207 -19.87 8.46 26.66
CA PRO C 207 -18.90 8.80 27.70
C PRO C 207 -17.61 9.27 27.04
N TYR C 208 -17.00 10.32 27.58
CA TYR C 208 -15.75 10.84 27.03
C TYR C 208 -14.55 10.26 27.77
N LEU C 209 -13.95 9.22 27.20
CA LEU C 209 -12.81 8.56 27.81
C LEU C 209 -11.49 8.71 27.05
N GLU C 210 -10.41 8.28 27.69
CA GLU C 210 -9.05 8.37 27.12
C GLU C 210 -8.77 7.42 25.97
N THR C 211 -9.31 6.21 26.04
CA THR C 211 -9.03 5.24 25.00
C THR C 211 -10.10 4.14 24.86
N TYR C 212 -10.10 3.51 23.70
CA TYR C 212 -11.04 2.46 23.34
C TYR C 212 -11.37 1.44 24.43
N GLY C 213 -10.32 0.84 25.00
CA GLY C 213 -10.50 -0.18 26.02
C GLY C 213 -11.20 0.22 27.31
N LEU C 214 -11.44 1.51 27.50
CA LEU C 214 -12.08 1.99 28.71
C LEU C 214 -13.59 1.71 28.74
N VAL C 215 -14.10 1.03 27.73
CA VAL C 215 -15.51 0.66 27.68
C VAL C 215 -15.55 -0.79 27.23
N GLU C 216 -16.75 -1.37 27.23
CA GLU C 216 -16.92 -2.77 26.82
C GLU C 216 -16.81 -2.91 25.31
N LYS C 217 -16.43 -4.10 24.87
CA LYS C 217 -16.31 -4.37 23.45
C LYS C 217 -17.67 -4.21 22.79
N GLY C 218 -17.75 -3.30 21.82
CA GLY C 218 -19.00 -3.08 21.14
C GLY C 218 -19.64 -1.78 21.58
N GLU C 219 -19.19 -1.24 22.70
CA GLU C 219 -19.78 0.01 23.18
C GLU C 219 -19.15 1.21 22.49
N LEU C 221 -18.09 5.30 22.25
CA LEU C 221 -17.54 6.32 23.14
C LEU C 221 -16.96 7.49 22.36
N ALA C 222 -16.61 8.54 23.09
CA ALA C 222 -16.00 9.73 22.51
C ALA C 222 -14.62 9.78 23.14
N LEU C 223 -13.64 10.32 22.43
CA LEU C 223 -12.28 10.40 22.97
C LEU C 223 -11.59 11.66 22.50
N PRO C 224 -10.53 12.06 23.21
CA PRO C 224 -9.81 13.27 22.79
C PRO C 224 -9.07 12.93 21.48
N GLY C 225 -8.95 11.63 21.20
CA GLY C 225 -8.31 11.19 19.99
C GLY C 225 -6.81 11.33 20.03
N SER C 226 -6.17 11.29 18.86
CA SER C 226 -4.72 11.43 18.78
C SER C 226 -4.35 12.44 17.71
N HIS C 227 -5.34 13.20 17.26
CA HIS C 227 -5.09 14.21 16.24
C HIS C 227 -5.62 15.58 16.62
N ASP C 228 -5.99 15.73 17.89
CA ASP C 228 -6.50 17.00 18.42
C ASP C 228 -7.87 17.36 17.89
N TYR C 229 -8.68 16.35 17.64
CA TYR C 229 -10.03 16.54 17.13
C TYR C 229 -10.92 15.56 17.89
N LEU C 230 -12.18 15.94 18.09
CA LEU C 230 -13.12 15.06 18.77
C LEU C 230 -13.26 13.78 17.95
N GLU C 231 -13.12 12.64 18.61
CA GLU C 231 -13.22 11.36 17.93
C GLU C 231 -14.38 10.52 18.47
N ILE C 232 -15.20 9.98 17.59
CA ILE C 232 -16.32 9.14 18.02
C ILE C 232 -15.92 7.73 17.59
N ALA C 233 -15.87 6.80 18.54
CA ALA C 233 -15.48 5.44 18.21
C ALA C 233 -16.29 4.35 18.88
N VAL C 234 -16.06 3.11 18.46
CA VAL C 234 -16.72 1.94 19.01
C VAL C 234 -15.61 0.97 19.38
N ASN C 235 -15.51 0.60 20.65
CA ASN C 235 -14.44 -0.30 21.05
C ASN C 235 -14.41 -1.57 20.20
N GLY C 237 -15.09 -1.79 17.16
CA GLY C 237 -16.21 -1.77 16.26
C GLY C 237 -16.11 -0.53 15.39
N SER C 238 -17.07 -0.36 14.48
CA SER C 238 -17.08 0.78 13.58
C SER C 238 -18.18 1.78 13.93
N ALA C 239 -17.77 2.98 14.35
CA ALA C 239 -18.70 4.02 14.72
C ALA C 239 -19.41 4.58 13.49
N ALA C 240 -18.68 4.75 12.40
CA ALA C 240 -19.27 5.27 11.18
C ALA C 240 -20.32 4.28 10.69
N GLU C 241 -20.07 3.00 10.96
CA GLU C 241 -20.97 1.93 10.59
C GLU C 241 -22.34 2.17 11.17
N ARG C 242 -22.40 2.28 12.49
CA ARG C 242 -23.65 2.53 13.22
C ARG C 242 -24.30 3.87 12.92
N LEU C 243 -23.58 4.95 13.19
CA LEU C 243 -24.13 6.28 12.93
C LEU C 243 -24.47 6.43 11.46
N ASN C 244 -23.95 5.51 10.65
CA ASN C 244 -24.17 5.53 9.22
C ASN C 244 -23.88 6.92 8.66
N VAL C 245 -22.68 7.42 8.94
CA VAL C 245 -22.26 8.73 8.47
C VAL C 245 -21.12 8.61 7.46
N LYS C 246 -20.71 9.74 6.89
CA LYS C 246 -19.63 9.74 5.91
C LYS C 246 -18.94 11.11 5.91
N VAL C 247 -17.69 11.15 5.45
CA VAL C 247 -16.95 12.40 5.42
C VAL C 247 -17.83 13.48 4.78
N GLY C 248 -18.02 14.59 5.48
CA GLY C 248 -18.82 15.67 4.95
C GLY C 248 -20.11 15.93 5.69
N ASP C 249 -20.69 14.88 6.30
CA ASP C 249 -21.92 15.04 7.05
C ASP C 249 -21.70 15.98 8.25
N GLU C 250 -22.76 16.68 8.66
CA GLU C 250 -22.71 17.58 9.80
C GLU C 250 -23.58 17.02 10.94
N LEU C 251 -22.98 16.81 12.11
CA LEU C 251 -23.68 16.29 13.27
C LEU C 251 -23.92 17.39 14.31
N ARG C 252 -25.13 17.36 14.90
CA ARG C 252 -25.39 18.26 16.02
C ARG C 252 -24.92 17.63 17.34
N VAL C 253 -23.88 18.25 17.94
CA VAL C 253 -23.31 17.68 19.15
C VAL C 253 -23.38 18.63 20.34
N ARG C 254 -23.73 18.04 21.48
CA ARG C 254 -23.83 18.70 22.74
C ARG C 254 -22.68 18.26 23.64
N LEU C 255 -21.92 19.21 24.19
CA LEU C 255 -20.82 18.88 25.08
C LEU C 255 -21.20 19.07 26.54
N LEU C 256 -21.38 17.96 27.24
CA LEU C 256 -21.76 17.97 28.65
C LEU C 256 -20.60 17.62 29.59
#